data_2Z1Y
#
_entry.id   2Z1Y
#
_cell.length_a   137.107
_cell.length_b   62.229
_cell.length_c   107.439
_cell.angle_alpha   90.00
_cell.angle_beta   116.34
_cell.angle_gamma   90.00
#
_symmetry.space_group_name_H-M   'C 1 2 1'
#
loop_
_entity.id
_entity.type
_entity.pdbx_description
1 polymer '2-aminoadipate transaminase'
2 non-polymer LEUCINE
3 non-polymer "PYRIDOXAL-5'-PHOSPHATE"
4 water water
#
_entity_poly.entity_id   1
_entity_poly.type   'polypeptide(L)'
_entity_poly.pdbx_seq_one_letter_code
;MKPLSWSEAFGKGAGRIQASTIRELLKLTQRPGILSFAGGLPAPELFPKEEAAEAAARILREKGEVALQYSPTEGYAPLR
AFVAEWIGVRPEEVLITTGSQQALDLVGKVFLDEGSPVLLEAPSYMGAIQAFRLQGPRFLTVPAGEEGPDLDALEEVLKR
ERPRFLYLIPSFQNPTGGLTPLPARKRLLQMVMERGLVVVEDDAYRELYFGEARLPSLFELAREAGYPGVIYLGSFSKVL
SPGLRVAFAVAHPEALQKLVQAKQGADLHTPMLNQMLVHELLKEGFSERLERVRRVYREKAQAMLHALDREVPKEVRYTR
PKGGMFVWMELPKGLSAEGLFRRALEENVAFVPGGPFFANGGGENTLRLSYATLDREGIAEGVRRLGRALKGLLALV
;
_entity_poly.pdbx_strand_id   A,B
#
loop_
_chem_comp.id
_chem_comp.type
_chem_comp.name
_chem_comp.formula
PLP non-polymer PYRIDOXAL-5'-PHOSPHATE 'C8 H10 N O6 P'
#
# COMPACT_ATOMS: atom_id res chain seq x y z
N LYS A 2 -3.13 23.20 -27.56
CA LYS A 2 -4.00 22.36 -26.68
C LYS A 2 -3.49 22.43 -25.23
N PRO A 3 -3.77 23.49 -24.41
CA PRO A 3 -3.26 23.58 -23.03
C PRO A 3 -3.80 22.47 -22.11
N LEU A 4 -2.93 21.82 -21.33
CA LEU A 4 -3.33 20.62 -20.60
C LEU A 4 -4.35 20.98 -19.54
N SER A 5 -5.40 20.17 -19.45
CA SER A 5 -6.39 20.28 -18.37
C SER A 5 -6.39 19.03 -17.46
N TRP A 6 -6.04 19.22 -16.19
CA TRP A 6 -5.95 18.07 -15.27
C TRP A 6 -7.33 17.51 -15.00
N SER A 7 -8.25 18.44 -14.63
CA SER A 7 -9.64 18.11 -14.32
C SER A 7 -10.19 17.23 -15.47
N GLU A 8 -9.87 17.60 -16.71
CA GLU A 8 -10.24 16.77 -17.85
C GLU A 8 -9.44 15.49 -18.04
N ALA A 9 -8.24 15.30 -17.46
CA ALA A 9 -7.44 14.11 -17.70
C ALA A 9 -7.68 12.99 -16.64
N PHE A 10 -8.12 13.38 -15.47
CA PHE A 10 -8.49 12.41 -14.44
C PHE A 10 -9.67 11.52 -14.82
N GLY A 11 -9.76 10.31 -14.21
CA GLY A 11 -10.86 9.39 -14.38
C GLY A 11 -11.84 9.50 -13.21
N LYS A 12 -12.83 8.58 -13.16
CA LYS A 12 -13.90 8.72 -12.18
C LYS A 12 -13.39 8.58 -10.77
N GLY A 13 -12.33 7.78 -10.67
CA GLY A 13 -11.71 7.57 -9.37
C GLY A 13 -11.31 8.88 -8.69
N ALA A 14 -10.77 9.83 -9.46
CA ALA A 14 -10.39 11.13 -8.94
C ALA A 14 -11.57 11.88 -8.31
N GLY A 15 -12.80 11.61 -8.75
CA GLY A 15 -13.93 12.31 -8.16
C GLY A 15 -14.54 11.54 -6.96
N ARG A 16 -13.93 10.43 -6.51
CA ARG A 16 -14.44 9.64 -5.39
C ARG A 16 -13.50 9.67 -4.19
N ILE A 17 -12.41 10.44 -4.24
CA ILE A 17 -11.35 10.40 -3.22
C ILE A 17 -11.23 11.81 -2.60
N GLN A 18 -12.24 12.67 -2.75
CA GLN A 18 -12.10 14.04 -2.27
C GLN A 18 -12.10 14.18 -0.74
N ALA A 19 -12.67 13.25 0.04
CA ALA A 19 -12.65 13.42 1.49
C ALA A 19 -11.20 13.42 1.97
N SER A 20 -10.87 14.30 2.92
CA SER A 20 -9.48 14.52 3.34
C SER A 20 -9.30 14.26 4.84
N THR A 21 -10.28 13.60 5.47
CA THR A 21 -10.22 13.42 6.92
C THR A 21 -8.91 12.72 7.26
N ILE A 22 -8.61 11.61 6.51
CA ILE A 22 -7.42 10.84 6.89
C ILE A 22 -6.18 11.73 6.88
N ARG A 23 -5.85 12.41 5.76
CA ARG A 23 -4.62 13.21 5.76
C ARG A 23 -4.68 14.38 6.78
N GLU A 24 -5.88 14.90 7.04
CA GLU A 24 -6.02 15.98 8.02
C GLU A 24 -5.75 15.47 9.46
N LEU A 25 -6.13 14.22 9.79
CA LEU A 25 -5.89 13.61 11.08
C LEU A 25 -4.40 13.27 11.22
N LEU A 26 -3.73 12.95 10.09
CA LEU A 26 -2.36 12.49 10.22
C LEU A 26 -1.34 13.61 10.24
N LYS A 27 -1.73 14.81 9.78
CA LYS A 27 -0.82 15.94 9.52
C LYS A 27 -0.16 16.36 10.84
N LEU A 28 1.16 16.67 10.82
CA LEU A 28 1.93 17.16 11.98
C LEU A 28 1.44 18.57 12.38
N PRO A 32 -0.08 23.65 17.73
CA PRO A 32 1.19 23.30 18.37
C PRO A 32 1.05 22.88 19.85
N GLY A 33 0.57 23.85 20.65
CA GLY A 33 -0.04 23.59 21.94
C GLY A 33 -1.55 23.28 21.86
N ILE A 34 -1.98 22.76 20.71
CA ILE A 34 -3.31 22.17 20.55
C ILE A 34 -3.32 20.75 21.13
N LEU A 35 -4.27 20.47 22.02
CA LEU A 35 -4.40 19.12 22.59
C LEU A 35 -5.38 18.35 21.68
N SER A 36 -4.98 17.18 21.27
CA SER A 36 -5.75 16.41 20.30
C SER A 36 -6.60 15.33 20.92
N PHE A 37 -7.91 15.41 20.64
CA PHE A 37 -8.81 14.27 20.75
C PHE A 37 -9.30 13.85 19.36
N ALA A 38 -8.49 14.08 18.31
CA ALA A 38 -8.92 13.88 16.93
C ALA A 38 -8.62 12.45 16.49
N GLY A 39 -7.43 12.21 15.92
CA GLY A 39 -7.12 10.89 15.43
C GLY A 39 -7.03 9.87 16.53
N GLY A 40 -7.35 8.66 16.17
CA GLY A 40 -7.24 7.53 17.04
C GLY A 40 -5.80 7.07 17.22
N LEU A 41 -4.95 7.95 17.77
CA LEU A 41 -3.51 7.68 17.87
C LEU A 41 -3.24 6.97 19.18
N PRO A 42 -2.72 5.73 19.19
CA PRO A 42 -2.48 5.02 20.43
C PRO A 42 -1.48 5.72 21.32
N ALA A 43 -1.60 5.38 22.60
CA ALA A 43 -0.84 5.97 23.66
C ALA A 43 0.66 5.73 23.43
N PRO A 44 1.46 6.79 23.26
CA PRO A 44 2.89 6.61 22.95
C PRO A 44 3.71 6.09 24.14
N GLU A 45 3.13 6.20 25.33
CA GLU A 45 3.79 5.67 26.53
C GLU A 45 3.83 4.15 26.53
N LEU A 46 2.98 3.49 25.72
CA LEU A 46 3.04 2.06 25.54
C LEU A 46 4.06 1.63 24.47
N PHE A 47 4.62 2.52 23.67
CA PHE A 47 5.51 2.06 22.62
C PHE A 47 6.78 1.49 23.28
N PRO A 48 7.24 0.28 22.90
CA PRO A 48 8.47 -0.26 23.50
C PRO A 48 9.68 0.23 22.71
N LYS A 49 10.04 1.49 22.88
CA LYS A 49 11.14 2.09 22.13
C LYS A 49 12.42 1.28 22.34
N GLU A 50 12.78 0.96 23.58
CA GLU A 50 14.14 0.43 23.78
C GLU A 50 14.21 -1.00 23.23
N GLU A 51 13.20 -1.81 23.52
CA GLU A 51 13.08 -3.17 22.98
C GLU A 51 13.03 -3.14 21.45
N ALA A 52 12.29 -2.19 20.89
CA ALA A 52 12.23 -2.08 19.42
C ALA A 52 13.62 -1.80 18.82
N ALA A 53 14.35 -0.90 19.47
CA ALA A 53 15.66 -0.49 19.00
C ALA A 53 16.64 -1.67 18.98
N GLU A 54 16.63 -2.44 20.07
N GLU A 54 16.63 -2.45 20.06
CA GLU A 54 17.46 -3.64 20.18
CA GLU A 54 17.49 -3.63 20.18
C GLU A 54 17.11 -4.65 19.11
C GLU A 54 17.12 -4.67 19.14
N ALA A 55 15.81 -4.88 18.94
CA ALA A 55 15.33 -5.88 18.02
C ALA A 55 15.58 -5.50 16.56
N ALA A 56 15.35 -4.23 16.21
CA ALA A 56 15.60 -3.76 14.85
C ALA A 56 17.08 -3.82 14.50
N ALA A 57 17.95 -3.44 15.48
CA ALA A 57 19.38 -3.53 15.19
C ALA A 57 19.80 -5.00 14.99
N ARG A 58 19.28 -5.95 15.81
CA ARG A 58 19.62 -7.35 15.70
C ARG A 58 19.15 -7.91 14.37
N ILE A 59 17.91 -7.60 13.99
CA ILE A 59 17.44 -8.02 12.67
C ILE A 59 18.34 -7.57 11.54
N LEU A 60 18.72 -6.28 11.55
CA LEU A 60 19.47 -5.71 10.46
C LEU A 60 20.90 -6.27 10.47
N ARG A 61 21.45 -6.54 11.66
CA ARG A 61 22.81 -7.10 11.68
C ARG A 61 22.89 -8.56 11.28
N GLU A 62 21.97 -9.35 11.78
CA GLU A 62 22.02 -10.81 11.62
C GLU A 62 21.20 -11.29 10.41
N LYS A 63 20.18 -10.51 9.96
CA LYS A 63 19.30 -10.98 8.91
C LYS A 63 19.01 -9.84 7.93
N GLY A 64 19.89 -8.86 7.89
CA GLY A 64 19.69 -7.69 7.06
C GLY A 64 19.56 -7.99 5.55
N GLU A 65 20.22 -9.03 5.08
CA GLU A 65 20.16 -9.38 3.68
C GLU A 65 18.77 -9.87 3.31
N VAL A 66 18.02 -10.44 4.27
CA VAL A 66 16.62 -10.78 4.06
C VAL A 66 15.69 -9.62 4.32
N ALA A 67 15.92 -8.89 5.41
CA ALA A 67 15.06 -7.80 5.83
C ALA A 67 15.08 -6.67 4.80
N LEU A 68 16.19 -6.47 4.10
CA LEU A 68 16.28 -5.27 3.24
C LEU A 68 15.98 -5.60 1.78
N GLN A 69 15.86 -6.90 1.45
CA GLN A 69 15.56 -7.43 0.13
C GLN A 69 14.05 -7.53 -0.09
N TYR A 70 13.64 -7.60 -1.38
CA TYR A 70 12.29 -7.98 -1.78
C TYR A 70 11.92 -9.28 -1.08
N SER A 71 10.67 -9.39 -0.60
CA SER A 71 10.21 -10.42 0.26
C SER A 71 8.82 -10.89 -0.22
N PRO A 72 8.27 -12.02 0.28
CA PRO A 72 7.01 -12.51 -0.26
C PRO A 72 5.81 -11.62 -0.05
N THR A 73 4.98 -11.56 -1.08
CA THR A 73 3.73 -10.83 -1.07
C THR A 73 2.87 -11.27 0.11
N GLU A 74 2.83 -12.58 0.39
CA GLU A 74 1.94 -13.09 1.42
C GLU A 74 2.35 -12.65 2.81
N GLY A 75 3.63 -12.41 3.00
CA GLY A 75 4.10 -11.96 4.30
C GLY A 75 5.21 -12.84 4.86
N TYR A 76 5.87 -12.32 5.89
CA TYR A 76 6.94 -13.03 6.58
C TYR A 76 6.36 -14.28 7.23
N ALA A 77 6.93 -15.44 6.90
CA ALA A 77 6.31 -16.71 7.30
C ALA A 77 6.16 -16.86 8.82
N PRO A 78 7.17 -16.60 9.67
CA PRO A 78 7.02 -16.61 11.12
C PRO A 78 5.93 -15.70 11.70
N LEU A 79 5.70 -14.56 11.07
CA LEU A 79 4.62 -13.66 11.47
C LEU A 79 3.28 -14.28 11.05
N ARG A 80 3.16 -14.84 9.83
CA ARG A 80 1.93 -15.49 9.42
C ARG A 80 1.60 -16.59 10.43
N ALA A 81 2.63 -17.29 10.93
CA ALA A 81 2.45 -18.40 11.81
C ALA A 81 1.97 -17.93 13.16
N PHE A 82 2.57 -16.86 13.66
CA PHE A 82 2.21 -16.25 14.93
C PHE A 82 0.75 -15.80 14.91
N VAL A 83 0.36 -15.10 13.86
CA VAL A 83 -1.01 -14.65 13.65
C VAL A 83 -1.99 -15.81 13.57
N ALA A 84 -1.59 -16.86 12.83
CA ALA A 84 -2.46 -18.01 12.74
C ALA A 84 -2.69 -18.68 14.08
N GLU A 85 -1.61 -18.86 14.86
CA GLU A 85 -1.70 -19.47 16.18
C GLU A 85 -2.57 -18.60 17.09
N TRP A 86 -2.36 -17.28 17.06
CA TRP A 86 -3.13 -16.37 17.91
C TRP A 86 -4.62 -16.43 17.54
N ILE A 87 -4.95 -16.32 16.26
CA ILE A 87 -6.33 -16.19 15.82
C ILE A 87 -7.06 -17.52 15.75
N GLY A 88 -6.33 -18.60 15.48
CA GLY A 88 -6.89 -19.94 15.45
C GLY A 88 -7.13 -20.47 14.04
N VAL A 89 -6.18 -20.23 13.12
CA VAL A 89 -6.32 -20.63 11.74
C VAL A 89 -5.01 -21.23 11.26
N ARG A 90 -4.97 -21.64 9.99
CA ARG A 90 -3.74 -22.14 9.42
C ARG A 90 -2.89 -20.96 8.97
N PRO A 91 -1.54 -21.01 8.94
CA PRO A 91 -0.75 -19.88 8.40
C PRO A 91 -1.04 -19.48 6.97
N GLU A 92 -1.42 -20.45 6.14
CA GLU A 92 -1.74 -20.16 4.74
C GLU A 92 -3.06 -19.40 4.59
N GLU A 93 -3.84 -19.28 5.67
CA GLU A 93 -5.05 -18.44 5.65
C GLU A 93 -4.86 -17.00 6.17
N VAL A 94 -3.61 -16.58 6.31
CA VAL A 94 -3.23 -15.25 6.80
C VAL A 94 -2.47 -14.52 5.73
N LEU A 95 -2.92 -13.27 5.44
CA LEU A 95 -2.20 -12.34 4.58
C LEU A 95 -1.74 -11.17 5.45
N ILE A 96 -0.44 -10.91 5.49
CA ILE A 96 0.04 -9.67 6.11
C ILE A 96 -0.21 -8.50 5.18
N THR A 97 -0.78 -7.41 5.74
CA THR A 97 -1.06 -6.18 5.00
C THR A 97 -0.38 -4.99 5.64
N THR A 98 -0.28 -3.94 4.84
CA THR A 98 0.38 -2.69 5.19
C THR A 98 -0.63 -1.83 5.93
N GLY A 99 -0.92 -2.26 7.17
CA GLY A 99 -2.04 -1.79 7.94
C GLY A 99 -3.35 -2.41 7.48
N SER A 100 -4.34 -2.43 8.36
CA SER A 100 -5.63 -2.96 7.96
C SER A 100 -6.33 -2.00 7.00
N GLN A 101 -5.88 -0.76 6.93
CA GLN A 101 -6.40 0.13 5.91
C GLN A 101 -6.14 -0.45 4.49
N GLN A 102 -4.97 -1.00 4.27
CA GLN A 102 -4.73 -1.72 3.04
C GLN A 102 -5.66 -2.92 2.83
N ALA A 103 -5.92 -3.74 3.88
CA ALA A 103 -6.90 -4.81 3.74
C ALA A 103 -8.26 -4.30 3.28
N LEU A 104 -8.70 -3.13 3.80
CA LEU A 104 -9.96 -2.56 3.36
C LEU A 104 -9.93 -2.19 1.87
N ASP A 105 -8.84 -1.56 1.43
CA ASP A 105 -8.66 -1.24 0.02
C ASP A 105 -8.70 -2.53 -0.83
N LEU A 106 -8.05 -3.59 -0.36
CA LEU A 106 -8.02 -4.87 -1.09
C LEU A 106 -9.42 -5.47 -1.21
N VAL A 107 -10.16 -5.46 -0.09
CA VAL A 107 -11.55 -5.88 -0.08
C VAL A 107 -12.37 -5.09 -1.05
N GLY A 108 -12.24 -3.75 -1.07
CA GLY A 108 -13.01 -2.97 -2.04
C GLY A 108 -12.72 -3.40 -3.46
N LYS A 109 -11.43 -3.58 -3.76
CA LYS A 109 -11.00 -3.97 -5.09
C LYS A 109 -11.55 -5.32 -5.55
N VAL A 110 -11.59 -6.29 -4.63
CA VAL A 110 -11.96 -7.65 -4.95
C VAL A 110 -13.49 -7.79 -5.10
N PHE A 111 -14.26 -7.05 -4.29
CA PHE A 111 -15.69 -7.26 -4.14
C PHE A 111 -16.61 -6.23 -4.78
N LEU A 112 -16.19 -4.97 -5.00
CA LEU A 112 -17.08 -3.89 -5.39
C LEU A 112 -16.85 -3.48 -6.81
N ASP A 113 -17.93 -3.04 -7.42
CA ASP A 113 -17.95 -2.49 -8.76
C ASP A 113 -18.84 -1.25 -8.75
N GLU A 114 -18.71 -0.44 -9.79
CA GLU A 114 -19.61 0.70 -9.89
C GLU A 114 -21.06 0.31 -9.75
N GLY A 115 -21.75 0.95 -8.81
CA GLY A 115 -23.14 0.74 -8.49
C GLY A 115 -23.44 -0.48 -7.63
N SER A 116 -22.43 -1.25 -7.20
CA SER A 116 -22.64 -2.48 -6.49
C SER A 116 -23.07 -2.08 -5.09
N PRO A 117 -24.06 -2.77 -4.49
CA PRO A 117 -24.52 -2.51 -3.12
C PRO A 117 -23.51 -3.02 -2.08
N VAL A 118 -23.23 -2.21 -1.09
CA VAL A 118 -22.39 -2.68 0.03
C VAL A 118 -23.06 -2.17 1.31
N LEU A 119 -22.99 -2.92 2.40
CA LEU A 119 -23.72 -2.54 3.63
C LEU A 119 -22.71 -2.18 4.72
N LEU A 120 -22.92 -1.02 5.35
CA LEU A 120 -22.23 -0.72 6.59
C LEU A 120 -23.16 0.12 7.45
N GLU A 121 -22.74 0.38 8.68
CA GLU A 121 -23.55 1.18 9.59
C GLU A 121 -23.41 2.67 9.27
N ALA A 122 -24.44 3.41 9.76
CA ALA A 122 -24.36 4.87 9.72
C ALA A 122 -24.41 5.33 11.17
N PRO A 123 -23.33 5.82 11.82
CA PRO A 123 -22.00 5.98 11.22
C PRO A 123 -21.20 4.69 11.25
N SER A 124 -20.03 4.74 10.60
CA SER A 124 -19.04 3.66 10.58
C SER A 124 -17.67 4.25 10.31
N TYR A 125 -16.62 3.40 10.15
CA TYR A 125 -15.28 3.94 10.06
C TYR A 125 -15.03 4.71 8.76
N MET A 126 -14.55 5.96 8.88
CA MET A 126 -14.35 6.82 7.72
C MET A 126 -13.33 6.21 6.74
N GLY A 127 -12.31 5.47 7.23
CA GLY A 127 -11.33 4.83 6.36
C GLY A 127 -11.96 3.78 5.46
N ALA A 128 -12.91 3.03 6.01
CA ALA A 128 -13.56 1.97 5.27
C ALA A 128 -14.47 2.60 4.24
N ILE A 129 -15.19 3.67 4.65
CA ILE A 129 -16.01 4.38 3.69
C ILE A 129 -15.14 4.88 2.51
N GLN A 130 -13.99 5.50 2.80
CA GLN A 130 -13.10 6.03 1.80
C GLN A 130 -12.56 4.92 0.89
N ALA A 131 -12.07 3.80 1.43
CA ALA A 131 -11.59 2.69 0.62
C ALA A 131 -12.73 2.23 -0.31
N PHE A 132 -13.92 2.05 0.22
CA PHE A 132 -14.99 1.48 -0.59
C PHE A 132 -15.50 2.48 -1.63
N ARG A 133 -15.54 3.77 -1.26
CA ARG A 133 -16.06 4.80 -2.13
C ARG A 133 -15.28 4.85 -3.46
N LEU A 134 -13.98 4.55 -3.45
CA LEU A 134 -13.19 4.51 -4.65
C LEU A 134 -13.85 3.70 -5.74
N GLN A 135 -14.56 2.61 -5.41
CA GLN A 135 -15.08 1.67 -6.37
C GLN A 135 -16.45 2.13 -6.90
N GLY A 136 -16.97 3.22 -6.34
CA GLY A 136 -18.27 3.78 -6.76
C GLY A 136 -19.49 2.94 -6.41
N PRO A 137 -19.54 2.30 -5.20
CA PRO A 137 -20.64 1.43 -4.81
C PRO A 137 -21.88 2.25 -4.44
N ARG A 138 -22.99 1.56 -4.23
CA ARG A 138 -24.14 2.12 -3.56
C ARG A 138 -24.05 1.69 -2.12
N PHE A 139 -23.92 2.66 -1.24
CA PHE A 139 -23.85 2.41 0.19
C PHE A 139 -25.28 2.21 0.73
N LEU A 140 -25.50 1.08 1.38
CA LEU A 140 -26.69 0.80 2.17
C LEU A 140 -26.31 0.87 3.64
N THR A 141 -27.14 1.55 4.48
CA THR A 141 -26.83 1.70 5.87
C THR A 141 -27.97 1.23 6.75
N VAL A 142 -27.52 0.90 7.95
CA VAL A 142 -28.41 0.73 9.08
C VAL A 142 -27.85 1.55 10.21
N PRO A 143 -28.71 1.97 11.18
CA PRO A 143 -28.17 2.68 12.35
C PRO A 143 -27.23 1.83 13.21
N ALA A 144 -26.32 2.52 13.89
CA ALA A 144 -25.43 1.95 14.91
C ALA A 144 -25.78 2.59 16.24
N GLY A 145 -25.94 1.78 17.25
CA GLY A 145 -26.17 2.28 18.61
C GLY A 145 -25.24 1.60 19.61
N GLU A 146 -25.61 1.72 20.90
CA GLU A 146 -24.74 1.25 21.98
C GLU A 146 -24.49 -0.25 21.92
N GLU A 147 -25.48 -0.99 21.39
CA GLU A 147 -25.38 -2.43 21.24
C GLU A 147 -25.16 -2.86 19.78
N GLY A 148 -24.59 -1.95 18.98
CA GLY A 148 -24.17 -2.27 17.63
C GLY A 148 -25.22 -1.95 16.57
N PRO A 149 -25.21 -2.68 15.46
CA PRO A 149 -26.13 -2.44 14.36
C PRO A 149 -27.56 -2.74 14.74
N ASP A 150 -28.46 -1.96 14.16
CA ASP A 150 -29.88 -2.18 14.28
C ASP A 150 -30.24 -3.37 13.41
N LEU A 151 -30.43 -4.52 14.05
CA LEU A 151 -30.67 -5.76 13.31
C LEU A 151 -32.05 -5.84 12.67
N ASP A 152 -33.01 -5.07 13.17
CA ASP A 152 -34.33 -5.01 12.55
C ASP A 152 -34.25 -4.26 11.23
N ALA A 153 -33.48 -3.17 11.19
CA ALA A 153 -33.32 -2.40 9.98
C ALA A 153 -32.56 -3.25 8.98
N LEU A 154 -31.61 -4.03 9.50
CA LEU A 154 -30.83 -4.90 8.62
C LEU A 154 -31.72 -5.96 7.96
N GLU A 155 -32.60 -6.57 8.74
CA GLU A 155 -33.55 -7.57 8.24
C GLU A 155 -34.31 -6.97 7.06
N GLU A 156 -34.76 -5.71 7.16
CA GLU A 156 -35.52 -5.08 6.11
C GLU A 156 -34.63 -4.86 4.88
N VAL A 157 -33.38 -4.42 5.08
CA VAL A 157 -32.47 -4.19 3.95
C VAL A 157 -32.35 -5.49 3.17
N LEU A 158 -32.17 -6.63 3.90
CA LEU A 158 -31.76 -7.86 3.28
C LEU A 158 -32.92 -8.47 2.49
N LYS A 159 -34.15 -8.07 2.79
CA LYS A 159 -35.25 -8.51 1.97
C LYS A 159 -35.22 -7.93 0.57
N ARG A 160 -34.60 -6.78 0.36
CA ARG A 160 -34.70 -6.09 -0.91
C ARG A 160 -33.37 -6.01 -1.64
N GLU A 161 -32.27 -6.15 -0.88
CA GLU A 161 -30.96 -5.91 -1.45
C GLU A 161 -29.98 -6.95 -0.96
N ARG A 162 -29.07 -7.36 -1.83
CA ARG A 162 -28.02 -8.28 -1.44
C ARG A 162 -26.73 -7.49 -1.50
N PRO A 163 -26.20 -7.04 -0.35
CA PRO A 163 -24.90 -6.39 -0.33
C PRO A 163 -23.77 -7.33 -0.77
N ARG A 164 -22.76 -6.76 -1.43
CA ARG A 164 -21.59 -7.54 -1.82
C ARG A 164 -20.86 -8.07 -0.57
N PHE A 165 -20.93 -7.31 0.50
CA PHE A 165 -20.56 -7.80 1.81
C PHE A 165 -21.14 -6.81 2.84
N LEU A 166 -21.16 -7.24 4.09
CA LEU A 166 -21.49 -6.37 5.23
C LEU A 166 -20.20 -6.01 5.95
N TYR A 167 -19.96 -4.73 6.21
CA TYR A 167 -18.74 -4.34 6.94
C TYR A 167 -19.19 -3.98 8.33
N LEU A 168 -18.61 -4.65 9.35
CA LEU A 168 -18.96 -4.40 10.73
C LEU A 168 -17.70 -4.32 11.59
N ILE A 169 -17.85 -3.65 12.72
CA ILE A 169 -16.82 -3.51 13.75
C ILE A 169 -17.54 -3.85 15.06
N PRO A 170 -17.74 -5.15 15.34
CA PRO A 170 -18.53 -5.52 16.50
C PRO A 170 -17.98 -5.08 17.85
N SER A 171 -16.64 -4.99 17.96
CA SER A 171 -15.97 -4.64 19.22
C SER A 171 -15.48 -3.18 19.25
N PHE A 172 -16.26 -2.30 19.89
CA PHE A 172 -15.86 -0.91 20.11
C PHE A 172 -15.74 -0.18 18.78
N GLN A 173 -16.89 -0.10 18.13
CA GLN A 173 -17.01 0.41 16.82
C GLN A 173 -16.36 1.80 16.68
N ASN A 174 -15.69 2.00 15.58
CA ASN A 174 -15.29 3.36 15.17
C ASN A 174 -16.42 3.95 14.33
N PRO A 175 -17.11 5.06 14.71
CA PRO A 175 -16.72 5.94 15.81
C PRO A 175 -17.51 5.94 17.12
N THR A 176 -18.58 5.12 17.19
CA THR A 176 -19.54 5.23 18.29
C THR A 176 -19.00 4.58 19.56
N GLY A 177 -18.04 3.65 19.47
CA GLY A 177 -17.61 2.84 20.60
C GLY A 177 -18.54 1.68 20.94
N GLY A 178 -19.59 1.48 20.13
CA GLY A 178 -20.58 0.46 20.41
C GLY A 178 -20.03 -0.96 20.44
N LEU A 179 -20.67 -1.79 21.24
CA LEU A 179 -20.27 -3.15 21.48
C LEU A 179 -21.47 -4.03 21.17
N THR A 180 -21.34 -4.82 20.11
CA THR A 180 -22.39 -5.76 19.72
C THR A 180 -22.31 -6.92 20.70
N PRO A 181 -23.37 -7.17 21.51
CA PRO A 181 -23.31 -8.23 22.50
C PRO A 181 -23.44 -9.62 21.88
N LEU A 182 -23.13 -10.67 22.66
CA LEU A 182 -23.10 -12.02 22.12
C LEU A 182 -24.39 -12.46 21.45
N PRO A 183 -25.59 -12.29 22.05
CA PRO A 183 -26.82 -12.74 21.39
C PRO A 183 -27.07 -12.06 20.07
N ALA A 184 -26.69 -10.76 19.98
CA ALA A 184 -26.81 -10.04 18.72
C ALA A 184 -25.84 -10.58 17.66
N ARG A 185 -24.61 -10.93 18.06
CA ARG A 185 -23.63 -11.49 17.13
C ARG A 185 -24.18 -12.80 16.57
N LYS A 186 -24.83 -13.62 17.43
CA LYS A 186 -25.37 -14.90 16.95
C LYS A 186 -26.52 -14.70 15.99
N ARG A 187 -27.34 -13.71 16.26
CA ARG A 187 -28.47 -13.42 15.44
C ARG A 187 -27.96 -12.91 14.10
N LEU A 188 -27.00 -12.02 14.14
CA LEU A 188 -26.42 -11.50 12.93
C LEU A 188 -25.85 -12.67 12.11
N LEU A 189 -25.14 -13.61 12.73
CA LEU A 189 -24.53 -14.71 11.99
C LEU A 189 -25.58 -15.55 11.28
N GLN A 190 -26.67 -15.81 12.00
CA GLN A 190 -27.80 -16.53 11.43
C GLN A 190 -28.37 -15.78 10.21
N MET A 191 -28.58 -14.46 10.32
CA MET A 191 -29.09 -13.67 9.20
C MET A 191 -28.18 -13.82 7.95
N VAL A 192 -26.85 -13.74 8.15
CA VAL A 192 -25.89 -13.87 7.08
C VAL A 192 -25.83 -15.30 6.55
N MET A 193 -25.87 -16.31 7.41
CA MET A 193 -25.73 -17.63 6.88
C MET A 193 -26.97 -18.03 6.06
N GLU A 194 -28.13 -17.57 6.44
CA GLU A 194 -29.35 -17.97 5.77
C GLU A 194 -29.29 -17.51 4.32
N ARG A 195 -28.56 -16.43 4.00
CA ARG A 195 -28.49 -15.91 2.64
C ARG A 195 -27.11 -16.06 2.03
N GLY A 196 -26.21 -16.80 2.67
CA GLY A 196 -24.83 -16.97 2.20
C GLY A 196 -24.08 -15.65 1.94
N LEU A 197 -24.22 -14.70 2.84
CA LEU A 197 -23.61 -13.39 2.69
C LEU A 197 -22.19 -13.39 3.24
N VAL A 198 -21.43 -12.44 2.76
CA VAL A 198 -20.04 -12.23 3.17
C VAL A 198 -20.05 -11.10 4.20
N VAL A 199 -19.25 -11.26 5.24
CA VAL A 199 -19.07 -10.30 6.30
C VAL A 199 -17.57 -9.99 6.37
N VAL A 200 -17.25 -8.71 6.36
CA VAL A 200 -15.92 -8.23 6.66
C VAL A 200 -15.98 -7.72 8.10
N GLU A 201 -15.35 -8.46 8.99
CA GLU A 201 -15.31 -8.12 10.39
C GLU A 201 -13.97 -7.46 10.70
N ASP A 202 -14.06 -6.20 11.09
CA ASP A 202 -12.90 -5.39 11.41
C ASP A 202 -12.71 -5.39 12.92
N ASP A 203 -11.67 -6.11 13.37
CA ASP A 203 -11.36 -6.27 14.78
C ASP A 203 -10.17 -5.42 15.23
N ALA A 204 -10.04 -4.18 14.75
CA ALA A 204 -8.92 -3.36 15.21
C ALA A 204 -8.84 -3.17 16.73
N TYR A 205 -10.00 -3.15 17.42
CA TYR A 205 -10.06 -2.85 18.85
C TYR A 205 -10.32 -4.11 19.67
N ARG A 206 -10.05 -5.26 19.06
CA ARG A 206 -10.27 -6.59 19.64
C ARG A 206 -9.81 -6.66 21.10
N GLU A 207 -8.60 -6.24 21.36
CA GLU A 207 -7.97 -6.51 22.63
C GLU A 207 -8.15 -5.31 23.58
N LEU A 208 -8.89 -4.26 23.17
CA LEU A 208 -9.05 -3.07 23.99
C LEU A 208 -10.38 -3.10 24.79
N TYR A 209 -10.82 -4.27 25.26
CA TYR A 209 -11.99 -4.39 26.10
C TYR A 209 -11.67 -3.97 27.55
N PHE A 210 -12.69 -3.40 28.19
CA PHE A 210 -12.50 -2.93 29.56
C PHE A 210 -13.02 -3.97 30.57
N GLY A 211 -13.84 -4.90 30.15
CA GLY A 211 -14.31 -5.96 31.05
C GLY A 211 -13.28 -7.08 31.24
N GLU A 212 -13.79 -8.25 31.66
CA GLU A 212 -12.96 -9.37 32.11
C GLU A 212 -12.47 -10.15 30.88
N ALA A 213 -13.33 -10.27 29.84
CA ALA A 213 -13.04 -11.16 28.69
C ALA A 213 -13.51 -10.53 27.40
N ARG A 214 -12.87 -10.95 26.31
CA ARG A 214 -13.29 -10.59 24.99
C ARG A 214 -14.51 -11.43 24.62
N LEU A 215 -15.41 -10.85 23.85
CA LEU A 215 -16.52 -11.60 23.28
C LEU A 215 -16.01 -12.45 22.11
N PRO A 216 -16.61 -13.64 21.82
CA PRO A 216 -16.35 -14.33 20.57
C PRO A 216 -16.58 -13.42 19.38
N SER A 217 -15.66 -13.48 18.42
CA SER A 217 -15.78 -12.67 17.21
C SER A 217 -16.82 -13.32 16.29
N LEU A 218 -17.31 -12.56 15.27
CA LEU A 218 -18.16 -13.16 14.26
C LEU A 218 -17.38 -14.27 13.56
N PHE A 219 -16.09 -14.06 13.34
CA PHE A 219 -15.32 -15.07 12.64
C PHE A 219 -15.31 -16.37 13.46
N GLU A 220 -15.04 -16.26 14.76
CA GLU A 220 -15.02 -17.42 15.67
C GLU A 220 -16.36 -18.15 15.62
N LEU A 221 -17.47 -17.41 15.73
CA LEU A 221 -18.81 -18.00 15.73
C LEU A 221 -19.06 -18.70 14.38
N ALA A 222 -18.63 -18.05 13.30
CA ALA A 222 -18.77 -18.64 11.97
C ALA A 222 -17.98 -19.94 11.86
N ARG A 223 -16.72 -19.94 12.34
CA ARG A 223 -15.86 -21.12 12.33
C ARG A 223 -16.53 -22.25 13.10
N GLU A 224 -17.14 -21.94 14.22
CA GLU A 224 -17.83 -22.94 15.03
C GLU A 224 -19.01 -23.57 14.27
N ALA A 225 -19.74 -22.75 13.49
CA ALA A 225 -20.88 -23.10 12.69
C ALA A 225 -20.47 -23.78 11.37
N GLY A 226 -19.21 -23.80 11.05
CA GLY A 226 -18.72 -24.33 9.78
C GLY A 226 -18.97 -23.37 8.60
N TYR A 227 -19.18 -22.09 8.89
CA TYR A 227 -19.57 -21.13 7.88
C TYR A 227 -18.32 -20.36 7.40
N PRO A 228 -18.03 -20.35 6.05
CA PRO A 228 -16.79 -19.77 5.53
C PRO A 228 -16.82 -18.28 5.13
N GLY A 229 -17.91 -17.58 5.39
CA GLY A 229 -18.18 -16.26 4.83
C GLY A 229 -17.66 -15.06 5.61
N VAL A 230 -16.89 -15.25 6.68
CA VAL A 230 -16.36 -14.09 7.37
C VAL A 230 -14.92 -13.87 7.03
N ILE A 231 -14.63 -12.65 6.50
CA ILE A 231 -13.29 -12.17 6.29
C ILE A 231 -12.90 -11.34 7.52
N TYR A 232 -11.79 -11.70 8.15
CA TYR A 232 -11.49 -11.19 9.47
C TYR A 232 -10.25 -10.30 9.38
N LEU A 233 -10.39 -9.02 9.77
CA LEU A 233 -9.31 -8.07 9.75
C LEU A 233 -8.82 -7.75 11.14
N GLY A 234 -7.49 -7.86 11.34
CA GLY A 234 -6.89 -7.38 12.57
C GLY A 234 -5.63 -6.58 12.28
N SER A 235 -5.10 -5.95 13.35
CA SER A 235 -4.00 -5.04 13.18
C SER A 235 -3.13 -5.04 14.42
N PHE A 236 -1.84 -4.77 14.21
CA PHE A 236 -0.96 -4.45 15.32
C PHE A 236 -0.89 -2.96 15.68
N SER A 237 -1.70 -2.12 15.02
CA SER A 237 -1.65 -0.69 15.21
C SER A 237 -2.07 -0.27 16.62
N LYS A 238 -3.15 -0.89 17.15
CA LYS A 238 -3.72 -0.42 18.40
C LYS A 238 -3.04 -1.07 19.61
N VAL A 239 -2.25 -2.16 19.41
CA VAL A 239 -1.66 -2.93 20.48
C VAL A 239 -0.13 -2.84 20.53
N LEU A 240 0.51 -2.23 19.49
CA LEU A 240 1.96 -2.19 19.46
C LEU A 240 2.49 -0.92 18.81
N SER A 241 2.19 -0.76 17.51
CA SER A 241 2.70 0.41 16.80
C SER A 241 1.92 0.62 15.51
N PRO A 242 1.23 1.75 15.39
CA PRO A 242 0.50 2.04 14.14
C PRO A 242 1.46 2.44 13.03
N GLY A 243 2.54 3.17 13.37
CA GLY A 243 3.49 3.68 12.37
C GLY A 243 4.26 2.61 11.62
N LEU A 244 4.34 1.36 12.16
CA LEU A 244 5.00 0.27 11.48
C LEU A 244 4.18 -0.20 10.27
N ARG A 245 2.85 0.02 10.29
CA ARG A 245 1.92 -0.47 9.25
C ARG A 245 2.01 -1.98 9.05
N VAL A 246 1.61 -2.73 10.09
CA VAL A 246 1.58 -4.19 10.03
C VAL A 246 0.26 -4.68 10.58
N ALA A 247 -0.46 -5.37 9.69
CA ALA A 247 -1.74 -5.90 10.02
C ALA A 247 -2.02 -7.18 9.24
N PHE A 248 -3.26 -7.70 9.30
CA PHE A 248 -3.50 -8.95 8.61
C PHE A 248 -4.98 -9.09 8.25
N ALA A 249 -5.19 -9.97 7.27
CA ALA A 249 -6.49 -10.44 6.89
C ALA A 249 -6.45 -11.96 6.94
N VAL A 250 -7.56 -12.52 7.40
CA VAL A 250 -7.74 -13.95 7.55
C VAL A 250 -9.05 -14.32 6.85
N ALA A 251 -8.98 -15.34 5.96
CA ALA A 251 -10.19 -15.74 5.25
C ALA A 251 -10.05 -17.17 4.76
N HIS A 252 -11.20 -17.71 4.36
CA HIS A 252 -11.21 -18.92 3.56
C HIS A 252 -10.23 -18.79 2.40
N PRO A 253 -9.47 -19.85 2.06
CA PRO A 253 -8.48 -19.75 1.01
C PRO A 253 -8.93 -19.16 -0.31
N GLU A 254 -10.14 -19.43 -0.79
CA GLU A 254 -10.54 -18.85 -2.05
C GLU A 254 -10.61 -17.31 -2.03
N ALA A 255 -11.14 -16.77 -0.92
CA ALA A 255 -11.19 -15.33 -0.68
C ALA A 255 -9.79 -14.81 -0.45
N LEU A 256 -9.03 -15.47 0.42
CA LEU A 256 -7.71 -14.97 0.77
C LEU A 256 -6.82 -14.87 -0.45
N GLN A 257 -6.94 -15.88 -1.32
CA GLN A 257 -6.13 -15.90 -2.54
C GLN A 257 -6.37 -14.66 -3.38
N LYS A 258 -7.63 -14.20 -3.49
CA LYS A 258 -7.92 -12.99 -4.25
C LYS A 258 -7.28 -11.77 -3.61
N LEU A 259 -7.30 -11.72 -2.26
CA LEU A 259 -6.67 -10.62 -1.52
C LEU A 259 -5.16 -10.61 -1.80
N VAL A 260 -4.54 -11.79 -1.87
CA VAL A 260 -3.10 -11.86 -2.08
C VAL A 260 -2.85 -11.39 -3.51
N GLN A 261 -3.71 -11.80 -4.47
CA GLN A 261 -3.51 -11.44 -5.88
C GLN A 261 -3.60 -9.92 -6.01
N ALA A 262 -4.52 -9.28 -5.27
CA ALA A 262 -4.69 -7.85 -5.32
C ALA A 262 -3.51 -7.13 -4.68
N LYS A 263 -2.97 -7.74 -3.65
CA LYS A 263 -1.85 -7.11 -2.92
C LYS A 263 -0.59 -6.93 -3.78
N GLN A 264 -0.34 -7.89 -4.70
CA GLN A 264 0.83 -7.84 -5.58
C GLN A 264 0.96 -6.45 -6.20
N GLY A 265 -0.10 -5.96 -6.88
CA GLY A 265 0.01 -4.72 -7.63
C GLY A 265 -0.23 -3.48 -6.75
N ALA A 266 -0.61 -3.67 -5.47
CA ALA A 266 -0.83 -2.57 -4.57
C ALA A 266 0.53 -2.09 -4.02
N ASP A 267 1.42 -3.00 -3.58
CA ASP A 267 2.71 -2.55 -3.05
C ASP A 267 3.80 -3.62 -3.10
N LEU A 268 3.60 -4.70 -3.86
CA LEU A 268 4.46 -5.89 -3.94
C LEU A 268 4.44 -6.72 -2.65
N HIS A 269 4.85 -6.14 -1.54
CA HIS A 269 4.83 -6.79 -0.24
C HIS A 269 4.92 -5.75 0.87
N THR A 270 4.43 -6.13 2.09
CA THR A 270 4.59 -5.25 3.23
C THR A 270 6.06 -5.25 3.62
N PRO A 271 6.62 -4.10 4.03
CA PRO A 271 8.05 -4.05 4.35
C PRO A 271 8.40 -5.17 5.32
N MET A 272 9.53 -5.80 5.02
CA MET A 272 9.95 -6.99 5.68
C MET A 272 10.55 -6.68 7.07
N LEU A 273 11.35 -5.66 7.19
CA LEU A 273 11.91 -5.30 8.52
C LEU A 273 10.79 -5.13 9.54
N ASN A 274 9.73 -4.47 9.10
CA ASN A 274 8.58 -4.14 9.93
C ASN A 274 7.94 -5.40 10.45
N GLN A 275 7.71 -6.42 9.56
CA GLN A 275 7.05 -7.65 9.96
C GLN A 275 7.91 -8.43 10.96
N MET A 276 9.20 -8.48 10.63
CA MET A 276 10.20 -9.12 11.47
C MET A 276 10.23 -8.49 12.86
N LEU A 277 10.17 -7.17 12.89
CA LEU A 277 10.23 -6.41 14.11
C LEU A 277 8.97 -6.69 14.95
N VAL A 278 7.78 -6.68 14.33
CA VAL A 278 6.59 -7.03 15.10
C VAL A 278 6.70 -8.42 15.70
N HIS A 279 7.17 -9.38 14.89
CA HIS A 279 7.24 -10.75 15.33
C HIS A 279 8.19 -10.85 16.52
N GLU A 280 9.32 -10.16 16.43
CA GLU A 280 10.32 -10.28 17.49
C GLU A 280 9.80 -9.68 18.77
N LEU A 281 9.08 -8.55 18.65
CA LEU A 281 8.49 -7.93 19.82
C LEU A 281 7.41 -8.74 20.52
N LEU A 282 6.64 -9.54 19.78
CA LEU A 282 5.43 -10.17 20.32
C LEU A 282 5.64 -11.68 20.58
N LYS A 283 6.74 -12.26 20.15
CA LYS A 283 6.90 -13.69 20.26
C LYS A 283 7.01 -14.13 21.73
N GLU A 284 7.44 -13.25 22.64
CA GLU A 284 7.32 -13.44 24.09
C GLU A 284 6.54 -12.29 24.73
N GLY A 285 5.68 -12.61 25.72
CA GLY A 285 5.17 -11.56 26.58
C GLY A 285 3.92 -10.90 25.97
N PHE A 286 3.30 -11.52 24.96
CA PHE A 286 2.21 -10.86 24.25
C PHE A 286 1.01 -10.68 25.20
N SER A 287 0.59 -11.75 25.88
CA SER A 287 -0.50 -11.70 26.86
C SER A 287 -0.34 -10.55 27.82
N GLU A 288 0.84 -10.48 28.46
CA GLU A 288 1.12 -9.44 29.41
C GLU A 288 1.08 -8.03 28.80
N ARG A 289 1.53 -7.90 27.55
CA ARG A 289 1.54 -6.63 26.86
C ARG A 289 0.09 -6.21 26.66
N LEU A 290 -0.77 -7.16 26.27
CA LEU A 290 -2.18 -6.85 26.03
C LEU A 290 -2.88 -6.45 27.34
N GLU A 291 -2.52 -7.09 28.44
CA GLU A 291 -3.13 -6.69 29.71
C GLU A 291 -2.77 -5.24 30.08
N ARG A 292 -1.54 -4.85 29.81
CA ARG A 292 -1.13 -3.48 30.10
C ARG A 292 -1.83 -2.50 29.18
N VAL A 293 -2.07 -2.90 27.92
CA VAL A 293 -2.79 -2.04 26.99
C VAL A 293 -4.19 -1.76 27.55
N ARG A 294 -4.88 -2.81 27.98
CA ARG A 294 -6.20 -2.70 28.57
C ARG A 294 -6.19 -1.77 29.79
N ARG A 295 -5.20 -1.94 30.68
CA ARG A 295 -5.22 -1.13 31.89
C ARG A 295 -5.10 0.35 31.51
N VAL A 296 -4.22 0.70 30.59
CA VAL A 296 -4.02 2.08 30.16
C VAL A 296 -5.30 2.65 29.54
N TYR A 297 -5.88 1.95 28.57
CA TYR A 297 -7.08 2.51 27.92
C TYR A 297 -8.24 2.59 28.90
N ARG A 298 -8.38 1.62 29.82
CA ARG A 298 -9.42 1.70 30.83
C ARG A 298 -9.25 2.97 31.65
N GLU A 299 -8.04 3.23 32.10
CA GLU A 299 -7.77 4.41 32.88
C GLU A 299 -8.00 5.72 32.12
N LYS A 300 -7.63 5.79 30.84
CA LYS A 300 -7.84 7.01 30.08
C LYS A 300 -9.34 7.24 29.83
N ALA A 301 -10.07 6.16 29.58
CA ALA A 301 -11.49 6.29 29.35
C ALA A 301 -12.17 6.82 30.64
N GLN A 302 -11.74 6.30 31.78
CA GLN A 302 -12.25 6.76 33.08
C GLN A 302 -12.00 8.26 33.26
N ALA A 303 -10.83 8.72 32.88
CA ALA A 303 -10.41 10.09 33.04
C ALA A 303 -11.22 10.96 32.09
N MET A 304 -11.42 10.49 30.86
CA MET A 304 -12.21 11.21 29.88
C MET A 304 -13.65 11.40 30.36
N LEU A 305 -14.26 10.32 30.84
CA LEU A 305 -15.65 10.39 31.28
C LEU A 305 -15.79 11.23 32.53
N HIS A 306 -14.83 11.16 33.43
CA HIS A 306 -14.85 12.06 34.59
C HIS A 306 -14.78 13.52 34.19
N ALA A 307 -13.90 13.83 33.22
CA ALA A 307 -13.71 15.19 32.77
C ALA A 307 -14.98 15.68 32.03
N LEU A 308 -15.51 14.83 31.17
CA LEU A 308 -16.72 15.20 30.45
C LEU A 308 -17.89 15.44 31.40
N ASP A 309 -18.07 14.54 32.39
CA ASP A 309 -19.15 14.66 33.34
C ASP A 309 -19.05 15.99 34.09
N ARG A 310 -17.83 16.46 34.36
CA ARG A 310 -17.56 17.70 35.08
C ARG A 310 -17.81 18.95 34.24
N GLU A 311 -17.46 18.91 32.93
CA GLU A 311 -17.33 20.11 32.12
C GLU A 311 -18.46 20.29 31.10
N VAL A 312 -19.14 19.21 30.73
CA VAL A 312 -20.06 19.21 29.60
C VAL A 312 -21.46 19.33 30.14
N PRO A 313 -22.24 20.32 29.68
CA PRO A 313 -23.61 20.50 30.14
C PRO A 313 -24.49 19.40 29.56
N LYS A 314 -25.58 19.13 30.30
CA LYS A 314 -26.45 17.99 30.04
C LYS A 314 -27.17 18.04 28.70
N GLU A 315 -27.17 19.20 28.03
CA GLU A 315 -27.83 19.34 26.77
C GLU A 315 -26.98 18.64 25.69
N VAL A 316 -25.72 18.33 25.99
CA VAL A 316 -24.84 17.61 25.08
C VAL A 316 -24.70 16.18 25.60
N ARG A 317 -24.92 15.21 24.71
CA ARG A 317 -24.89 13.81 25.12
C ARG A 317 -23.64 13.15 24.58
N TYR A 318 -23.18 12.14 25.28
CA TYR A 318 -22.02 11.37 24.86
C TYR A 318 -22.15 9.94 25.41
N THR A 319 -21.51 9.06 24.64
CA THR A 319 -21.45 7.65 24.97
C THR A 319 -20.45 7.40 26.09
N ARG A 320 -20.56 6.18 26.67
CA ARG A 320 -19.73 5.71 27.76
C ARG A 320 -19.17 4.34 27.36
N PRO A 321 -18.04 4.33 26.64
CA PRO A 321 -17.59 3.09 26.00
C PRO A 321 -17.15 2.03 26.98
N LYS A 322 -17.30 0.79 26.57
CA LYS A 322 -16.85 -0.38 27.35
C LYS A 322 -15.57 -0.96 26.79
N GLY A 323 -14.95 -0.20 25.90
CA GLY A 323 -13.66 -0.56 25.33
C GLY A 323 -13.28 0.41 24.21
N GLY A 324 -12.13 0.15 23.63
CA GLY A 324 -11.70 0.98 22.51
C GLY A 324 -11.16 2.34 22.92
N MET A 325 -11.26 3.27 21.98
CA MET A 325 -10.53 4.51 22.08
C MET A 325 -11.40 5.74 22.01
N PHE A 326 -12.70 5.56 21.73
CA PHE A 326 -13.52 6.71 21.39
C PHE A 326 -14.70 6.97 22.32
N VAL A 327 -15.04 8.26 22.50
CA VAL A 327 -16.36 8.73 22.90
C VAL A 327 -17.02 9.39 21.70
N TRP A 328 -18.31 9.15 21.55
CA TRP A 328 -19.16 9.70 20.50
C TRP A 328 -20.16 10.69 21.11
N MET A 329 -20.14 11.88 20.60
CA MET A 329 -20.82 13.03 21.19
C MET A 329 -21.86 13.55 20.21
N GLU A 330 -23.04 13.85 20.77
CA GLU A 330 -24.13 14.41 19.99
C GLU A 330 -24.56 15.75 20.57
N LEU A 331 -24.48 16.75 19.72
CA LEU A 331 -24.88 18.10 20.04
C LEU A 331 -26.39 18.22 19.88
N PRO A 332 -27.03 19.25 20.49
CA PRO A 332 -28.41 19.55 20.15
C PRO A 332 -28.70 19.59 18.68
N LYS A 333 -29.90 19.08 18.34
CA LYS A 333 -30.29 19.07 16.95
C LYS A 333 -30.02 20.39 16.23
N GLY A 334 -29.39 20.31 15.04
CA GLY A 334 -29.20 21.46 14.16
C GLY A 334 -27.97 22.30 14.51
N LEU A 335 -27.27 21.94 15.59
CA LEU A 335 -26.01 22.59 15.94
C LEU A 335 -24.87 21.92 15.15
N SER A 336 -23.87 22.72 14.79
CA SER A 336 -22.83 22.29 13.83
C SER A 336 -21.56 21.82 14.54
N ALA A 337 -21.17 20.58 14.32
CA ALA A 337 -19.93 20.09 14.89
C ALA A 337 -18.77 20.79 14.23
N GLU A 338 -18.93 21.11 12.92
CA GLU A 338 -17.90 21.89 12.21
C GLU A 338 -17.73 23.30 12.84
N GLY A 339 -18.84 23.95 13.15
CA GLY A 339 -18.82 25.23 13.84
C GLY A 339 -18.10 25.12 15.19
N LEU A 340 -18.46 24.07 15.95
CA LEU A 340 -17.79 23.77 17.21
C LEU A 340 -16.30 23.57 17.02
N PHE A 341 -15.90 22.86 15.94
CA PHE A 341 -14.51 22.53 15.73
C PHE A 341 -13.71 23.81 15.58
N ARG A 342 -14.27 24.79 14.85
CA ARG A 342 -13.61 26.09 14.68
C ARG A 342 -13.45 26.78 16.03
N ARG A 343 -14.48 26.82 16.86
CA ARG A 343 -14.36 27.29 18.23
C ARG A 343 -13.39 26.48 19.07
N ALA A 344 -13.32 25.14 18.91
CA ALA A 344 -12.39 24.35 19.70
C ALA A 344 -10.96 24.75 19.34
N LEU A 345 -10.69 24.82 18.04
CA LEU A 345 -9.37 25.25 17.57
C LEU A 345 -8.90 26.58 18.18
N GLU A 346 -9.79 27.56 18.34
CA GLU A 346 -9.44 28.79 19.05
C GLU A 346 -9.15 28.52 20.52
N GLU A 347 -9.77 27.50 21.16
CA GLU A 347 -9.50 27.12 22.54
C GLU A 347 -8.33 26.12 22.62
N ASN A 348 -7.69 25.78 21.49
CA ASN A 348 -6.49 24.96 21.47
C ASN A 348 -6.83 23.49 21.82
N VAL A 349 -7.91 22.98 21.23
CA VAL A 349 -8.28 21.57 21.33
C VAL A 349 -8.93 21.14 19.99
N ALA A 350 -8.71 19.89 19.64
CA ALA A 350 -9.20 19.34 18.38
C ALA A 350 -10.00 18.07 18.61
N PHE A 351 -10.94 17.78 17.68
CA PHE A 351 -11.66 16.52 17.63
C PHE A 351 -12.02 16.29 16.16
N VAL A 352 -12.74 15.21 15.87
CA VAL A 352 -13.20 14.91 14.53
C VAL A 352 -14.70 15.14 14.42
N PRO A 353 -15.19 16.12 13.64
CA PRO A 353 -16.63 16.21 13.34
C PRO A 353 -17.14 14.92 12.73
N GLY A 354 -18.43 14.65 12.91
CA GLY A 354 -18.99 13.33 12.66
C GLY A 354 -19.35 13.10 11.19
N GLY A 355 -19.45 14.15 10.40
CA GLY A 355 -19.95 14.06 9.02
C GLY A 355 -19.24 13.00 8.15
N PRO A 356 -17.89 12.85 8.23
CA PRO A 356 -17.17 11.84 7.42
C PRO A 356 -17.48 10.38 7.72
N PHE A 357 -18.10 10.14 8.89
CA PHE A 357 -18.46 8.79 9.29
C PHE A 357 -19.80 8.32 8.77
N PHE A 358 -20.53 9.16 8.06
CA PHE A 358 -21.85 8.83 7.51
C PHE A 358 -21.76 8.79 5.99
N ALA A 359 -21.80 7.59 5.45
CA ALA A 359 -21.47 7.34 4.06
C ALA A 359 -22.44 8.05 3.13
N ASN A 360 -23.70 8.26 3.59
CA ASN A 360 -24.69 8.89 2.70
C ASN A 360 -25.10 10.24 3.27
N GLY A 361 -24.23 10.85 4.09
CA GLY A 361 -24.51 12.15 4.66
C GLY A 361 -25.32 12.09 5.96
N GLY A 362 -25.51 13.30 6.49
CA GLY A 362 -26.13 13.46 7.80
C GLY A 362 -25.06 13.48 8.89
N GLY A 363 -25.55 13.50 10.12
CA GLY A 363 -24.66 13.50 11.28
C GLY A 363 -23.89 14.79 11.55
N GLU A 364 -24.40 15.94 11.06
CA GLU A 364 -23.63 17.17 11.16
C GLU A 364 -23.58 17.74 12.58
N ASN A 365 -24.39 17.19 13.50
CA ASN A 365 -24.39 17.59 14.90
C ASN A 365 -23.60 16.61 15.78
N THR A 366 -22.86 15.68 15.17
CA THR A 366 -22.11 14.64 15.90
C THR A 366 -20.61 14.86 15.80
N LEU A 367 -19.84 14.25 16.71
CA LEU A 367 -18.41 14.34 16.72
C LEU A 367 -17.83 13.20 17.53
N ARG A 368 -16.60 12.79 17.16
CA ARG A 368 -15.88 11.75 17.84
C ARG A 368 -14.68 12.33 18.57
N LEU A 369 -14.48 11.79 19.76
CA LEU A 369 -13.39 12.20 20.66
C LEU A 369 -12.57 10.95 20.95
N SER A 370 -11.26 11.11 20.81
CA SER A 370 -10.35 10.01 21.09
C SER A 370 -9.58 10.33 22.37
N TYR A 371 -9.59 9.41 23.33
CA TYR A 371 -8.87 9.62 24.58
C TYR A 371 -7.57 8.82 24.57
N ALA A 372 -7.19 8.23 23.43
CA ALA A 372 -6.12 7.24 23.43
C ALA A 372 -4.74 7.89 23.62
N THR A 373 -4.54 9.11 23.13
CA THR A 373 -3.22 9.67 22.94
C THR A 373 -2.73 10.46 24.15
N LEU A 374 -3.57 11.32 24.70
CA LEU A 374 -3.15 12.21 25.78
C LEU A 374 -3.04 11.47 27.11
N ASP A 375 -2.23 12.01 28.02
CA ASP A 375 -2.19 11.44 29.35
C ASP A 375 -3.37 11.99 30.16
N ARG A 376 -3.58 11.45 31.38
CA ARG A 376 -4.77 11.84 32.13
C ARG A 376 -4.84 13.34 32.38
N GLU A 377 -3.70 13.99 32.68
CA GLU A 377 -3.74 15.44 32.85
C GLU A 377 -4.09 16.20 31.57
N GLY A 378 -3.55 15.75 30.43
CA GLY A 378 -3.89 16.40 29.18
C GLY A 378 -5.33 16.12 28.76
N ILE A 379 -5.90 15.00 29.21
CA ILE A 379 -7.33 14.70 28.98
C ILE A 379 -8.14 15.76 29.74
N ALA A 380 -7.82 15.93 31.03
CA ALA A 380 -8.57 16.84 31.89
C ALA A 380 -8.50 18.25 31.32
N GLU A 381 -7.33 18.67 30.85
CA GLU A 381 -7.15 20.03 30.36
C GLU A 381 -7.81 20.20 28.99
N GLY A 382 -7.67 19.19 28.13
CA GLY A 382 -8.35 19.22 26.85
C GLY A 382 -9.88 19.28 26.97
N VAL A 383 -10.45 18.57 27.94
CA VAL A 383 -11.90 18.61 28.08
C VAL A 383 -12.32 19.96 28.67
N ARG A 384 -11.50 20.57 29.54
CA ARG A 384 -11.82 21.89 30.04
C ARG A 384 -11.90 22.88 28.87
N ARG A 385 -10.96 22.79 27.93
CA ARG A 385 -10.98 23.62 26.72
C ARG A 385 -12.19 23.32 25.82
N LEU A 386 -12.52 22.02 25.68
CA LEU A 386 -13.69 21.62 24.89
C LEU A 386 -14.94 22.21 25.52
N GLY A 387 -15.00 22.17 26.85
CA GLY A 387 -16.19 22.65 27.57
C GLY A 387 -16.44 24.12 27.30
N ARG A 388 -15.35 24.90 27.27
CA ARG A 388 -15.44 26.32 26.92
C ARG A 388 -15.98 26.54 25.52
N ALA A 389 -15.47 25.81 24.52
CA ALA A 389 -16.01 25.83 23.19
C ALA A 389 -17.48 25.43 23.15
N LEU A 390 -17.88 24.35 23.83
CA LEU A 390 -19.27 23.92 23.84
C LEU A 390 -20.17 25.03 24.41
N LYS A 391 -19.70 25.63 25.51
CA LYS A 391 -20.48 26.64 26.22
C LYS A 391 -20.69 27.84 25.28
N GLY A 392 -19.67 28.20 24.50
CA GLY A 392 -19.78 29.27 23.51
C GLY A 392 -20.80 28.93 22.45
N LEU A 393 -20.77 27.69 21.96
CA LEU A 393 -21.69 27.25 20.92
C LEU A 393 -23.13 27.36 21.40
N LEU A 394 -23.40 26.77 22.58
CA LEU A 394 -24.72 26.74 23.16
C LEU A 394 -25.22 28.14 23.48
N ALA A 395 -24.34 29.03 23.94
CA ALA A 395 -24.70 30.38 24.34
C ALA A 395 -25.14 31.22 23.14
N LEU A 396 -24.72 30.88 21.94
CA LEU A 396 -25.06 31.66 20.75
C LEU A 396 -26.51 31.43 20.35
N VAL A 397 -27.12 30.29 20.74
CA VAL A 397 -28.50 30.01 20.39
C VAL A 397 -29.45 31.12 20.94
N PRO B 3 -25.10 -22.92 0.25
CA PRO B 3 -23.65 -23.08 0.46
C PRO B 3 -23.04 -21.86 -0.22
N LEU B 4 -22.14 -21.15 0.46
CA LEU B 4 -21.71 -19.85 0.01
C LEU B 4 -20.96 -20.00 -1.32
N SER B 5 -21.11 -19.05 -2.27
CA SER B 5 -20.34 -19.10 -3.49
C SER B 5 -19.33 -17.95 -3.62
N TRP B 6 -18.02 -18.24 -3.52
CA TRP B 6 -17.04 -17.16 -3.63
C TRP B 6 -17.06 -16.55 -5.03
N SER B 7 -17.10 -17.40 -6.05
CA SER B 7 -16.92 -16.88 -7.41
C SER B 7 -18.04 -15.90 -7.76
N GLU B 8 -19.27 -16.23 -7.32
CA GLU B 8 -20.40 -15.33 -7.50
C GLU B 8 -20.33 -14.07 -6.62
N ALA B 9 -19.59 -14.07 -5.49
CA ALA B 9 -19.52 -12.93 -4.58
C ALA B 9 -18.56 -11.81 -5.01
N PHE B 10 -17.48 -12.17 -5.71
CA PHE B 10 -16.48 -11.23 -6.20
C PHE B 10 -17.05 -10.28 -7.21
N GLY B 11 -16.40 -9.12 -7.33
CA GLY B 11 -16.69 -8.15 -8.35
C GLY B 11 -15.75 -8.28 -9.56
N LYS B 12 -15.76 -7.31 -10.48
CA LYS B 12 -15.01 -7.43 -11.71
C LYS B 12 -13.50 -7.41 -11.41
N GLY B 13 -13.13 -6.73 -10.35
CA GLY B 13 -11.70 -6.60 -10.05
C GLY B 13 -11.03 -7.94 -9.82
N ALA B 14 -11.77 -8.91 -9.23
CA ALA B 14 -11.26 -10.25 -8.94
C ALA B 14 -10.85 -10.98 -10.22
N GLY B 15 -11.45 -10.63 -11.36
CA GLY B 15 -11.10 -11.23 -12.65
C GLY B 15 -9.94 -10.52 -13.40
N ARG B 16 -9.39 -9.41 -12.86
CA ARG B 16 -8.37 -8.62 -13.50
C ARG B 16 -7.05 -8.72 -12.78
N ILE B 17 -6.96 -9.58 -11.78
CA ILE B 17 -5.78 -9.66 -10.92
C ILE B 17 -5.18 -11.08 -10.97
N GLN B 18 -5.53 -11.89 -11.98
CA GLN B 18 -5.14 -13.29 -12.03
C GLN B 18 -3.63 -13.49 -12.23
N ALA B 19 -2.91 -12.57 -12.86
CA ALA B 19 -1.51 -12.85 -13.16
C ALA B 19 -0.75 -12.93 -11.84
N SER B 20 0.14 -13.92 -11.72
CA SER B 20 0.77 -14.20 -10.43
C SER B 20 2.29 -14.07 -10.50
N THR B 21 2.79 -13.41 -11.56
CA THR B 21 4.21 -13.21 -11.74
C THR B 21 4.88 -12.59 -10.51
N ILE B 22 4.28 -11.51 -10.00
CA ILE B 22 4.86 -10.80 -8.84
C ILE B 22 5.02 -11.72 -7.64
N ARG B 23 3.95 -12.34 -7.17
CA ARG B 23 4.09 -13.17 -5.96
C ARG B 23 4.99 -14.36 -6.22
N GLU B 24 5.04 -14.85 -7.48
CA GLU B 24 5.97 -15.95 -7.84
C GLU B 24 7.42 -15.51 -7.77
N LEU B 25 7.75 -14.34 -8.30
CA LEU B 25 9.12 -13.83 -8.23
C LEU B 25 9.58 -13.58 -6.80
N LEU B 26 8.66 -13.21 -5.94
CA LEU B 26 9.02 -12.78 -4.60
C LEU B 26 9.20 -13.92 -3.60
N LYS B 27 8.84 -15.13 -3.98
CA LYS B 27 9.11 -16.25 -3.04
C LYS B 27 10.12 -17.26 -3.57
N LEU B 28 10.87 -16.93 -4.61
CA LEU B 28 11.83 -17.88 -5.20
C LEU B 28 12.89 -18.26 -4.17
N THR B 29 13.17 -17.34 -3.22
CA THR B 29 13.98 -17.63 -2.03
C THR B 29 13.59 -18.96 -1.34
N GLN B 30 12.35 -19.41 -1.47
CA GLN B 30 11.94 -20.64 -0.79
C GLN B 30 12.50 -21.88 -1.49
N ARG B 31 13.19 -21.67 -2.61
CA ARG B 31 13.86 -22.74 -3.34
C ARG B 31 15.33 -22.33 -3.47
N PRO B 32 16.10 -22.46 -2.38
CA PRO B 32 17.44 -21.85 -2.34
C PRO B 32 18.49 -22.44 -3.26
N GLY B 33 18.26 -23.68 -3.75
CA GLY B 33 19.15 -24.42 -4.63
C GLY B 33 19.06 -23.89 -6.08
N ILE B 34 18.08 -23.04 -6.36
CA ILE B 34 17.94 -22.48 -7.71
C ILE B 34 18.64 -21.13 -7.80
N LEU B 35 19.54 -20.99 -8.78
CA LEU B 35 20.20 -19.72 -9.03
C LEU B 35 19.22 -18.83 -9.80
N SER B 36 19.02 -17.58 -9.34
CA SER B 36 17.94 -16.78 -9.89
C SER B 36 18.47 -15.67 -10.78
N PHE B 37 18.00 -15.69 -12.02
CA PHE B 37 18.05 -14.53 -12.90
C PHE B 37 16.61 -14.06 -13.11
N ALA B 38 15.74 -14.26 -12.10
CA ALA B 38 14.31 -13.98 -12.26
C ALA B 38 13.99 -12.55 -11.82
N GLY B 39 13.59 -12.35 -10.57
CA GLY B 39 13.33 -11.00 -10.12
C GLY B 39 14.49 -10.04 -10.18
N GLY B 40 14.12 -8.77 -10.38
CA GLY B 40 15.08 -7.70 -10.34
C GLY B 40 15.44 -7.31 -8.92
N LEU B 41 15.99 -8.28 -8.24
CA LEU B 41 16.41 -8.08 -6.87
C LEU B 41 17.80 -7.45 -6.87
N PRO B 42 17.94 -6.31 -6.21
CA PRO B 42 19.21 -5.62 -6.10
C PRO B 42 20.31 -6.38 -5.36
N ALA B 43 21.54 -6.03 -5.68
CA ALA B 43 22.70 -6.73 -5.17
C ALA B 43 22.73 -6.59 -3.63
N PRO B 44 22.61 -7.69 -2.89
CA PRO B 44 22.56 -7.59 -1.44
C PRO B 44 23.90 -7.19 -0.80
N GLU B 45 25.00 -7.36 -1.52
CA GLU B 45 26.29 -6.92 -1.01
C GLU B 45 26.35 -5.40 -0.83
N LEU B 46 25.42 -4.64 -1.44
CA LEU B 46 25.39 -3.20 -1.35
C LEU B 46 24.59 -2.75 -0.12
N PHE B 47 23.84 -3.67 0.50
CA PHE B 47 22.98 -3.22 1.58
C PHE B 47 23.84 -2.74 2.73
N PRO B 48 23.63 -1.56 3.29
CA PRO B 48 24.43 -1.07 4.41
C PRO B 48 23.91 -1.58 5.75
N LYS B 49 24.05 -2.89 5.96
CA LYS B 49 23.42 -3.53 7.11
C LYS B 49 23.82 -2.91 8.45
N GLU B 50 25.14 -2.78 8.65
CA GLU B 50 25.65 -2.22 9.88
C GLU B 50 25.16 -0.79 10.15
N GLU B 51 25.29 0.10 9.16
CA GLU B 51 24.89 1.47 9.31
C GLU B 51 23.38 1.53 9.54
N ALA B 52 22.63 0.71 8.85
CA ALA B 52 21.21 0.65 9.03
C ALA B 52 20.85 0.20 10.44
N ALA B 53 21.54 -0.81 10.98
CA ALA B 53 21.23 -1.31 12.33
C ALA B 53 21.44 -0.16 13.33
N GLU B 54 22.56 0.57 13.18
CA GLU B 54 22.88 1.67 14.07
C GLU B 54 21.86 2.79 13.96
N ALA B 55 21.48 3.09 12.71
CA ALA B 55 20.56 4.20 12.46
C ALA B 55 19.17 3.87 12.99
N ALA B 56 18.74 2.62 12.76
CA ALA B 56 17.40 2.22 13.19
C ALA B 56 17.33 2.31 14.72
N ALA B 57 18.42 1.87 15.38
CA ALA B 57 18.38 1.81 16.84
C ALA B 57 18.33 3.22 17.41
N ARG B 58 19.08 4.13 16.78
CA ARG B 58 19.09 5.53 17.18
C ARG B 58 17.72 6.16 16.93
N ILE B 59 17.13 5.89 15.76
CA ILE B 59 15.78 6.41 15.51
C ILE B 59 14.81 5.95 16.58
N LEU B 60 14.80 4.67 16.87
CA LEU B 60 13.77 4.20 17.77
C LEU B 60 14.03 4.70 19.21
N ARG B 61 15.28 4.85 19.63
CA ARG B 61 15.51 5.32 20.99
C ARG B 61 15.26 6.81 21.15
N GLU B 62 15.71 7.62 20.17
CA GLU B 62 15.66 9.08 20.28
C GLU B 62 14.37 9.68 19.76
N LYS B 63 13.73 8.99 18.80
CA LYS B 63 12.57 9.55 18.11
C LYS B 63 11.51 8.49 17.93
N GLY B 64 11.52 7.49 18.80
CA GLY B 64 10.61 6.38 18.62
C GLY B 64 9.13 6.77 18.74
N GLU B 65 8.82 7.81 19.56
CA GLU B 65 7.44 8.29 19.68
C GLU B 65 6.92 8.86 18.36
N VAL B 66 7.79 9.37 17.46
CA VAL B 66 7.37 9.76 16.12
C VAL B 66 7.40 8.55 15.21
N ALA B 67 8.49 7.80 15.31
CA ALA B 67 8.70 6.72 14.34
C ALA B 67 7.61 5.65 14.43
N LEU B 68 7.12 5.35 15.64
CA LEU B 68 6.19 4.27 15.85
C LEU B 68 4.72 4.76 15.83
N GLN B 69 4.49 6.07 15.70
CA GLN B 69 3.14 6.62 15.71
C GLN B 69 2.64 6.79 14.29
N TYR B 70 1.32 6.92 14.16
CA TYR B 70 0.74 7.40 12.93
C TYR B 70 1.41 8.71 12.51
N SER B 71 1.65 8.81 11.18
CA SER B 71 2.48 9.82 10.54
C SER B 71 1.78 10.41 9.30
N PRO B 72 2.23 11.56 8.74
CA PRO B 72 1.52 12.17 7.62
C PRO B 72 1.42 11.30 6.36
N THR B 73 0.25 11.34 5.72
CA THR B 73 0.06 10.66 4.45
C THR B 73 1.12 11.09 3.43
N GLU B 74 1.50 12.38 3.37
CA GLU B 74 2.38 12.88 2.32
C GLU B 74 3.80 12.39 2.48
N GLY B 75 4.15 11.99 3.73
CA GLY B 75 5.43 11.42 4.05
C GLY B 75 6.20 12.25 5.07
N TYR B 76 7.30 11.69 5.50
CA TYR B 76 8.22 12.31 6.45
C TYR B 76 8.83 13.56 5.85
N ALA B 77 8.64 14.71 6.50
CA ALA B 77 9.03 15.96 5.87
C ALA B 77 10.50 16.03 5.46
N PRO B 78 11.52 15.69 6.28
CA PRO B 78 12.92 15.73 5.83
C PRO B 78 13.22 14.85 4.61
N LEU B 79 12.53 13.71 4.51
CA LEU B 79 12.64 12.87 3.33
C LEU B 79 12.07 13.59 2.11
N ARG B 80 10.86 14.19 2.24
CA ARG B 80 10.29 14.94 1.11
C ARG B 80 11.27 15.99 0.64
N ALA B 81 11.96 16.64 1.61
CA ALA B 81 12.86 17.72 1.27
C ALA B 81 14.07 17.19 0.55
N PHE B 82 14.55 16.03 1.03
CA PHE B 82 15.74 15.40 0.49
C PHE B 82 15.47 15.03 -0.97
N VAL B 83 14.31 14.41 -1.21
CA VAL B 83 13.87 14.05 -2.57
C VAL B 83 13.76 15.29 -3.45
N ALA B 84 13.13 16.34 -2.93
CA ALA B 84 12.95 17.59 -3.65
C ALA B 84 14.28 18.20 -4.08
N GLU B 85 15.28 18.20 -3.18
CA GLU B 85 16.58 18.74 -3.52
C GLU B 85 17.29 17.89 -4.57
N TRP B 86 17.18 16.58 -4.44
CA TRP B 86 17.83 15.67 -5.38
C TRP B 86 17.18 15.81 -6.76
N ILE B 87 15.86 15.79 -6.81
CA ILE B 87 15.18 15.77 -8.12
C ILE B 87 15.09 17.18 -8.68
N GLY B 88 15.06 18.20 -7.84
CA GLY B 88 14.98 19.56 -8.37
C GLY B 88 13.59 20.17 -8.35
N VAL B 89 12.79 19.90 -7.30
CA VAL B 89 11.46 20.41 -7.18
C VAL B 89 11.24 20.95 -5.76
N ARG B 90 10.02 21.39 -5.47
CA ARG B 90 9.72 21.88 -4.14
C ARG B 90 9.31 20.67 -3.29
N PRO B 91 9.58 20.64 -1.97
CA PRO B 91 9.15 19.54 -1.10
C PRO B 91 7.67 19.21 -1.26
N GLU B 92 6.84 20.25 -1.45
CA GLU B 92 5.39 20.09 -1.49
C GLU B 92 4.97 19.40 -2.79
N GLU B 93 5.91 19.17 -3.70
CA GLU B 93 5.62 18.47 -4.95
C GLU B 93 6.05 17.00 -4.91
N VAL B 94 6.39 16.51 -3.72
CA VAL B 94 6.81 15.12 -3.49
C VAL B 94 5.80 14.43 -2.61
N LEU B 95 5.43 13.21 -3.04
CA LEU B 95 4.67 12.25 -2.26
C LEU B 95 5.53 11.02 -2.00
N ILE B 96 5.72 10.65 -0.72
CA ILE B 96 6.38 9.37 -0.44
C ILE B 96 5.34 8.26 -0.55
N THR B 97 5.72 7.18 -1.24
CA THR B 97 4.90 6.02 -1.50
C THR B 97 5.64 4.76 -1.01
N THR B 98 4.82 3.73 -0.75
CA THR B 98 5.23 2.42 -0.30
C THR B 98 5.69 1.61 -1.50
N GLY B 99 6.88 1.98 -1.97
CA GLY B 99 7.36 1.53 -3.27
C GLY B 99 6.73 2.31 -4.41
N SER B 100 7.43 2.31 -5.54
CA SER B 100 6.86 2.92 -6.72
C SER B 100 5.73 2.02 -7.25
N GLN B 101 5.66 0.75 -6.85
CA GLN B 101 4.54 -0.08 -7.23
C GLN B 101 3.26 0.59 -6.73
N GLN B 102 3.32 1.16 -5.52
CA GLN B 102 2.13 1.84 -5.05
C GLN B 102 1.79 3.07 -5.86
N ALA B 103 2.79 3.84 -6.26
CA ALA B 103 2.60 4.98 -7.14
C ALA B 103 1.86 4.54 -8.38
N LEU B 104 2.23 3.37 -8.91
CA LEU B 104 1.57 2.87 -10.10
C LEU B 104 0.11 2.63 -9.85
N ASP B 105 -0.20 1.94 -8.73
CA ASP B 105 -1.58 1.65 -8.35
C ASP B 105 -2.33 2.98 -8.14
N LEU B 106 -1.68 3.99 -7.55
CA LEU B 106 -2.35 5.31 -7.34
C LEU B 106 -2.69 6.01 -8.65
N VAL B 107 -1.74 5.92 -9.59
CA VAL B 107 -1.93 6.50 -10.92
C VAL B 107 -3.09 5.77 -11.56
N GLY B 108 -3.15 4.42 -11.47
CA GLY B 108 -4.25 3.73 -12.12
C GLY B 108 -5.60 4.20 -11.58
N LYS B 109 -5.66 4.28 -10.24
CA LYS B 109 -6.87 4.74 -9.56
C LYS B 109 -7.37 6.11 -10.00
N VAL B 110 -6.41 7.01 -10.21
CA VAL B 110 -6.76 8.41 -10.42
C VAL B 110 -7.13 8.67 -11.89
N PHE B 111 -6.55 7.93 -12.81
CA PHE B 111 -6.62 8.23 -14.23
C PHE B 111 -7.43 7.25 -15.07
N LEU B 112 -7.60 5.99 -14.64
CA LEU B 112 -8.24 4.97 -15.48
C LEU B 112 -9.65 4.61 -15.01
N ASP B 113 -10.51 4.34 -15.99
CA ASP B 113 -11.86 3.84 -15.81
C ASP B 113 -12.00 2.63 -16.73
N GLU B 114 -13.08 1.83 -16.53
CA GLU B 114 -13.34 0.74 -17.46
C GLU B 114 -13.39 1.24 -18.91
N GLY B 115 -12.67 0.55 -19.77
CA GLY B 115 -12.58 0.86 -21.20
C GLY B 115 -11.74 2.10 -21.52
N SER B 116 -11.13 2.79 -20.52
CA SER B 116 -10.38 4.00 -20.85
C SER B 116 -9.05 3.61 -21.53
N PRO B 117 -8.55 4.35 -22.55
CA PRO B 117 -7.28 3.97 -23.22
C PRO B 117 -6.11 4.37 -22.36
N VAL B 118 -5.09 3.53 -22.35
CA VAL B 118 -3.80 3.83 -21.75
C VAL B 118 -2.71 3.33 -22.68
N LEU B 119 -1.63 4.12 -22.82
CA LEU B 119 -0.58 3.77 -23.77
C LEU B 119 0.67 3.31 -23.02
N LEU B 120 1.19 2.16 -23.41
CA LEU B 120 2.49 1.72 -22.92
C LEU B 120 3.11 0.86 -24.00
N GLU B 121 4.38 0.53 -23.80
CA GLU B 121 5.09 -0.19 -24.82
C GLU B 121 4.76 -1.67 -24.73
N ALA B 122 5.02 -2.42 -25.80
CA ALA B 122 5.00 -3.87 -25.79
C ALA B 122 6.38 -4.37 -26.16
N PRO B 123 7.16 -4.93 -25.21
CA PRO B 123 6.75 -5.13 -23.80
C PRO B 123 6.98 -3.92 -22.91
N SER B 124 6.52 -4.02 -21.65
CA SER B 124 6.75 -3.02 -20.61
C SER B 124 6.68 -3.70 -19.24
N TYR B 125 6.83 -2.93 -18.17
CA TYR B 125 6.95 -3.49 -16.82
C TYR B 125 5.68 -4.22 -16.45
N MET B 126 5.81 -5.49 -16.03
CA MET B 126 4.62 -6.26 -15.70
C MET B 126 3.86 -5.70 -14.46
N GLY B 127 4.56 -5.02 -13.56
CA GLY B 127 3.93 -4.44 -12.38
C GLY B 127 2.99 -3.29 -12.74
N ALA B 128 3.38 -2.51 -13.76
CA ALA B 128 2.57 -1.41 -14.24
C ALA B 128 1.37 -2.00 -14.96
N ILE B 129 1.61 -3.00 -15.81
CA ILE B 129 0.48 -3.68 -16.45
C ILE B 129 -0.52 -4.17 -15.41
N GLN B 130 -0.01 -4.83 -14.37
CA GLN B 130 -0.88 -5.38 -13.34
C GLN B 130 -1.68 -4.31 -12.61
N ALA B 131 -1.03 -3.25 -12.16
CA ALA B 131 -1.71 -2.15 -11.51
C ALA B 131 -2.81 -1.56 -12.39
N PHE B 132 -2.48 -1.28 -13.66
CA PHE B 132 -3.43 -0.62 -14.53
C PHE B 132 -4.58 -1.55 -14.90
N ARG B 133 -4.30 -2.85 -15.05
CA ARG B 133 -5.30 -3.83 -15.49
C ARG B 133 -6.46 -3.91 -14.53
N LEU B 134 -6.18 -3.59 -13.27
CA LEU B 134 -7.20 -3.58 -12.23
C LEU B 134 -8.38 -2.67 -12.61
N GLN B 135 -8.15 -1.60 -13.33
CA GLN B 135 -9.17 -0.62 -13.64
C GLN B 135 -9.94 -0.98 -14.92
N GLY B 136 -9.58 -2.10 -15.60
CA GLY B 136 -10.27 -2.49 -16.82
C GLY B 136 -9.99 -1.60 -18.04
N PRO B 137 -8.79 -1.03 -18.21
CA PRO B 137 -8.55 -0.17 -19.38
C PRO B 137 -8.41 -0.95 -20.67
N ARG B 138 -8.36 -0.15 -21.78
CA ARG B 138 -7.92 -0.66 -23.07
C ARG B 138 -6.46 -0.31 -23.23
N PHE B 139 -5.63 -1.34 -23.30
CA PHE B 139 -4.21 -1.13 -23.51
C PHE B 139 -3.91 -0.84 -24.98
N LEU B 140 -3.32 0.31 -25.23
CA LEU B 140 -2.75 0.64 -26.53
C LEU B 140 -1.25 0.41 -26.41
N THR B 141 -0.63 -0.27 -27.41
CA THR B 141 0.83 -0.41 -27.35
C THR B 141 1.55 0.08 -28.58
N VAL B 142 2.86 0.32 -28.39
CA VAL B 142 3.84 0.50 -29.46
C VAL B 142 5.02 -0.39 -29.12
N PRO B 143 5.77 -0.89 -30.12
CA PRO B 143 6.95 -1.69 -29.82
C PRO B 143 8.01 -0.89 -29.08
N ALA B 144 8.79 -1.61 -28.29
CA ALA B 144 9.98 -1.09 -27.62
C ALA B 144 11.24 -1.74 -28.22
N GLY B 145 12.24 -0.93 -28.52
CA GLY B 145 13.53 -1.44 -29.00
C GLY B 145 14.72 -0.86 -28.21
N GLU B 146 15.92 -0.99 -28.83
CA GLU B 146 17.13 -0.61 -28.14
C GLU B 146 17.11 0.90 -27.81
N GLU B 147 16.44 1.68 -28.69
CA GLU B 147 16.35 3.14 -28.61
C GLU B 147 14.99 3.59 -28.02
N GLY B 148 14.28 2.67 -27.36
CA GLY B 148 13.07 2.99 -26.61
C GLY B 148 11.85 2.83 -27.51
N PRO B 149 10.77 3.60 -27.27
CA PRO B 149 9.52 3.35 -27.99
C PRO B 149 9.63 3.70 -29.47
N ASP B 150 8.90 2.95 -30.28
CA ASP B 150 8.74 3.27 -31.70
C ASP B 150 7.85 4.50 -31.85
N LEU B 151 8.50 5.61 -32.19
CA LEU B 151 7.82 6.89 -32.24
C LEU B 151 6.93 7.05 -33.46
N ASP B 152 7.28 6.37 -34.54
CA ASP B 152 6.39 6.40 -35.71
C ASP B 152 5.08 5.68 -35.41
N ALA B 153 5.18 4.53 -34.74
CA ALA B 153 4.03 3.76 -34.30
C ALA B 153 3.25 4.60 -33.29
N LEU B 154 3.96 5.31 -32.41
CA LEU B 154 3.28 6.14 -31.44
C LEU B 154 2.46 7.26 -32.11
N GLU B 155 3.04 7.89 -33.13
CA GLU B 155 2.38 8.95 -33.87
C GLU B 155 1.04 8.42 -34.40
N GLU B 156 1.06 7.21 -34.96
CA GLU B 156 -0.15 6.60 -35.49
C GLU B 156 -1.19 6.43 -34.39
N VAL B 157 -0.73 5.97 -33.20
CA VAL B 157 -1.66 5.76 -32.10
C VAL B 157 -2.33 7.09 -31.73
N LEU B 158 -1.51 8.13 -31.55
CA LEU B 158 -1.95 9.41 -31.06
C LEU B 158 -2.82 10.10 -32.10
N LYS B 159 -2.68 9.80 -33.40
CA LYS B 159 -3.62 10.36 -34.37
C LYS B 159 -5.01 9.79 -34.19
N ARG B 160 -5.13 8.62 -33.53
CA ARG B 160 -6.37 7.88 -33.50
C ARG B 160 -7.01 7.94 -32.12
N GLU B 161 -6.21 8.22 -31.08
CA GLU B 161 -6.67 8.00 -29.73
C GLU B 161 -6.03 9.01 -28.82
N ARG B 162 -6.70 9.38 -27.74
CA ARG B 162 -6.11 10.16 -26.66
C ARG B 162 -6.03 9.30 -25.42
N PRO B 163 -4.88 8.67 -25.18
CA PRO B 163 -4.70 7.88 -23.98
C PRO B 163 -4.79 8.78 -22.76
N ARG B 164 -5.23 8.19 -21.66
CA ARG B 164 -5.33 8.88 -20.40
C ARG B 164 -3.94 9.26 -19.91
N PHE B 165 -2.97 8.40 -20.21
CA PHE B 165 -1.58 8.73 -20.00
C PHE B 165 -0.74 7.77 -20.84
N LEU B 166 0.53 8.16 -21.07
CA LEU B 166 1.58 7.33 -21.65
C LEU B 166 2.51 6.92 -20.53
N TYR B 167 2.70 5.63 -20.32
CA TYR B 167 3.58 5.08 -19.33
C TYR B 167 4.89 4.68 -20.02
N LEU B 168 6.00 5.31 -19.57
CA LEU B 168 7.29 5.02 -20.15
C LEU B 168 8.36 4.83 -19.07
N ILE B 169 9.43 4.15 -19.50
CA ILE B 169 10.61 3.94 -18.68
C ILE B 169 11.79 4.22 -19.59
N PRO B 170 12.13 5.52 -19.80
CA PRO B 170 13.11 5.94 -20.80
C PRO B 170 14.52 5.43 -20.50
N SER B 171 14.83 5.22 -19.22
CA SER B 171 16.17 4.80 -18.87
C SER B 171 16.22 3.33 -18.41
N PHE B 172 16.71 2.44 -19.27
CA PHE B 172 16.95 1.03 -18.98
C PHE B 172 15.63 0.34 -18.67
N GLN B 173 14.77 0.29 -19.69
CA GLN B 173 13.41 -0.13 -19.57
C GLN B 173 13.31 -1.55 -19.01
N ASN B 174 12.31 -1.73 -18.16
CA ASN B 174 11.95 -3.08 -17.74
C ASN B 174 10.93 -3.57 -18.73
N PRO B 175 11.15 -4.63 -19.54
CA PRO B 175 12.24 -5.62 -19.41
C PRO B 175 13.41 -5.64 -20.39
N THR B 176 13.35 -4.74 -21.39
CA THR B 176 14.28 -4.78 -22.53
C THR B 176 15.64 -4.20 -22.25
N GLY B 177 15.78 -3.37 -21.20
CA GLY B 177 17.00 -2.60 -20.97
C GLY B 177 17.18 -1.41 -21.90
N GLY B 178 16.23 -1.14 -22.78
CA GLY B 178 16.30 -0.04 -23.71
C GLY B 178 16.59 1.31 -23.09
N LEU B 179 17.31 2.11 -23.85
CA LEU B 179 17.64 3.43 -23.43
C LEU B 179 17.13 4.39 -24.49
N THR B 180 16.15 5.23 -24.14
CA THR B 180 15.63 6.20 -25.07
C THR B 180 16.66 7.31 -25.18
N PRO B 181 17.24 7.62 -26.38
CA PRO B 181 18.28 8.67 -26.43
C PRO B 181 17.69 10.07 -26.33
N LEU B 182 18.52 11.07 -26.03
CA LEU B 182 18.03 12.46 -25.85
C LEU B 182 17.15 12.98 -27.00
N PRO B 183 17.54 12.89 -28.26
CA PRO B 183 16.66 13.38 -29.32
C PRO B 183 15.27 12.71 -29.41
N ALA B 184 15.20 11.41 -29.12
CA ALA B 184 13.92 10.72 -29.06
C ALA B 184 13.08 11.23 -27.88
N ARG B 185 13.74 11.51 -26.75
CA ARG B 185 13.06 12.08 -25.59
C ARG B 185 12.41 13.41 -25.97
N LYS B 186 13.19 14.28 -26.66
CA LYS B 186 12.65 15.56 -27.09
C LYS B 186 11.50 15.39 -28.07
N ARG B 187 11.58 14.41 -28.99
CA ARG B 187 10.53 14.22 -29.97
CA ARG B 187 10.54 14.20 -29.97
C ARG B 187 9.26 13.71 -29.28
N LEU B 188 9.41 12.74 -28.36
CA LEU B 188 8.28 12.24 -27.59
C LEU B 188 7.60 13.39 -26.84
N LEU B 189 8.43 14.22 -26.17
CA LEU B 189 7.95 15.33 -25.36
C LEU B 189 7.12 16.28 -26.24
N GLN B 190 7.65 16.58 -27.42
CA GLN B 190 6.93 17.44 -28.37
C GLN B 190 5.58 16.87 -28.79
N MET B 191 5.53 15.56 -29.07
CA MET B 191 4.30 14.91 -29.43
C MET B 191 3.24 15.03 -28.34
N VAL B 192 3.68 14.82 -27.08
CA VAL B 192 2.74 14.90 -25.94
C VAL B 192 2.36 16.35 -25.64
N MET B 193 3.25 17.28 -25.84
CA MET B 193 2.96 18.68 -25.55
C MET B 193 1.96 19.25 -26.52
N GLU B 194 2.09 18.85 -27.77
CA GLU B 194 1.21 19.37 -28.82
C GLU B 194 -0.23 18.88 -28.63
N ARG B 195 -0.43 17.76 -27.95
CA ARG B 195 -1.72 17.18 -27.75
C ARG B 195 -2.18 17.35 -26.32
N GLY B 196 -1.38 17.95 -25.43
CA GLY B 196 -1.76 18.12 -24.03
C GLY B 196 -1.98 16.76 -23.33
N LEU B 197 -1.11 15.77 -23.56
CA LEU B 197 -1.25 14.47 -22.89
C LEU B 197 -0.37 14.37 -21.67
N VAL B 198 -0.69 13.40 -20.84
CA VAL B 198 0.07 13.14 -19.65
C VAL B 198 1.01 11.98 -19.84
N VAL B 199 2.21 12.15 -19.28
CA VAL B 199 3.19 11.06 -19.24
C VAL B 199 3.44 10.66 -17.80
N VAL B 200 3.48 9.37 -17.52
CA VAL B 200 3.99 8.80 -16.29
C VAL B 200 5.36 8.22 -16.60
N GLU B 201 6.41 8.83 -16.06
CA GLU B 201 7.78 8.46 -16.36
C GLU B 201 8.30 7.71 -15.15
N ASP B 202 8.58 6.43 -15.33
CA ASP B 202 9.07 5.59 -14.28
C ASP B 202 10.58 5.57 -14.36
N ASP B 203 11.23 6.11 -13.32
CA ASP B 203 12.67 6.25 -13.32
C ASP B 203 13.30 5.37 -12.27
N ALA B 204 12.80 4.15 -12.10
CA ALA B 204 13.41 3.24 -11.14
C ALA B 204 14.92 3.04 -11.33
N TYR B 205 15.37 2.99 -12.59
CA TYR B 205 16.75 2.63 -12.92
C TYR B 205 17.57 3.88 -13.21
N ARG B 206 17.08 5.07 -12.86
CA ARG B 206 17.65 6.42 -13.06
C ARG B 206 19.18 6.42 -12.86
N GLU B 207 19.63 5.85 -11.75
CA GLU B 207 21.02 6.00 -11.32
C GLU B 207 21.89 4.83 -11.79
N LEU B 208 21.30 3.84 -12.46
CA LEU B 208 22.02 2.62 -12.80
C LEU B 208 22.60 2.72 -14.21
N TYR B 209 23.12 3.86 -14.60
CA TYR B 209 23.70 3.99 -15.94
C TYR B 209 25.15 3.55 -15.94
N PHE B 210 25.59 2.93 -17.04
CA PHE B 210 26.94 2.40 -17.15
C PHE B 210 27.92 3.42 -17.79
N GLY B 211 27.39 4.40 -18.52
CA GLY B 211 28.19 5.41 -19.21
C GLY B 211 28.63 6.54 -18.28
N GLU B 212 29.08 7.67 -18.85
CA GLU B 212 29.60 8.73 -18.03
C GLU B 212 28.50 9.52 -17.32
N ALA B 213 27.31 9.65 -17.91
CA ALA B 213 26.34 10.57 -17.32
C ALA B 213 24.91 10.07 -17.58
N ARG B 214 24.00 10.59 -16.76
CA ARG B 214 22.58 10.35 -16.86
C ARG B 214 21.99 11.23 -17.95
N LEU B 215 21.08 10.65 -18.75
CA LEU B 215 20.34 11.49 -19.70
C LEU B 215 19.31 12.36 -18.97
N PRO B 216 18.95 13.55 -19.48
CA PRO B 216 17.82 14.33 -18.96
C PRO B 216 16.57 13.45 -18.99
N SER B 217 15.79 13.53 -17.92
CA SER B 217 14.54 12.82 -17.82
C SER B 217 13.48 13.54 -18.65
N LEU B 218 12.42 12.84 -19.03
CA LEU B 218 11.31 13.56 -19.63
C LEU B 218 10.75 14.61 -18.67
N PHE B 219 10.76 14.34 -17.36
CA PHE B 219 10.36 15.37 -16.41
C PHE B 219 11.23 16.64 -16.51
N GLU B 220 12.55 16.45 -16.50
CA GLU B 220 13.44 17.60 -16.58
C GLU B 220 13.21 18.38 -17.88
N LEU B 221 13.04 17.65 -19.01
CA LEU B 221 12.82 18.29 -20.31
C LEU B 221 11.51 19.09 -20.27
N ALA B 222 10.48 18.49 -19.69
CA ALA B 222 9.16 19.11 -19.60
C ALA B 222 9.23 20.38 -18.77
N ARG B 223 9.92 20.31 -17.64
CA ARG B 223 10.13 21.45 -16.75
C ARG B 223 10.87 22.58 -17.52
N GLU B 224 11.89 22.27 -18.34
CA GLU B 224 12.58 23.27 -19.11
C GLU B 224 11.64 23.93 -20.11
N ALA B 225 10.74 23.15 -20.73
CA ALA B 225 9.78 23.66 -21.70
C ALA B 225 8.57 24.33 -21.03
N GLY B 226 8.46 24.26 -19.70
CA GLY B 226 7.29 24.76 -18.96
C GLY B 226 6.00 23.94 -19.10
N TYR B 227 6.17 22.65 -19.43
CA TYR B 227 5.02 21.77 -19.59
C TYR B 227 4.77 20.97 -18.31
N PRO B 228 3.55 21.06 -17.71
CA PRO B 228 3.27 20.44 -16.42
C PRO B 228 2.79 19.00 -16.47
N GLY B 229 2.87 18.33 -17.64
CA GLY B 229 2.18 17.05 -17.81
C GLY B 229 2.96 15.75 -17.53
N VAL B 230 4.16 15.82 -16.97
CA VAL B 230 4.91 14.64 -16.60
C VAL B 230 4.80 14.36 -15.10
N ILE B 231 4.34 13.15 -14.77
CA ILE B 231 4.33 12.60 -13.43
C ILE B 231 5.55 11.69 -13.31
N TYR B 232 6.46 12.04 -12.41
CA TYR B 232 7.72 11.39 -12.34
C TYR B 232 7.76 10.45 -11.14
N LEU B 233 8.17 9.21 -11.38
CA LEU B 233 8.23 8.21 -10.32
C LEU B 233 9.69 7.79 -10.13
N GLY B 234 10.12 7.80 -8.87
CA GLY B 234 11.42 7.25 -8.53
C GLY B 234 11.31 6.39 -7.27
N SER B 235 12.44 5.72 -6.92
CA SER B 235 12.38 4.73 -5.86
C SER B 235 13.75 4.64 -5.19
N PHE B 236 13.70 4.25 -3.91
CA PHE B 236 14.96 3.89 -3.26
C PHE B 236 15.26 2.39 -3.36
N SER B 237 14.46 1.64 -4.08
CA SER B 237 14.58 0.19 -4.12
C SER B 237 15.85 -0.26 -4.83
N LYS B 238 16.24 0.40 -5.93
CA LYS B 238 17.34 -0.13 -6.71
C LYS B 238 18.67 0.43 -6.24
N VAL B 239 18.63 1.48 -5.38
CA VAL B 239 19.85 2.20 -4.98
C VAL B 239 20.19 2.01 -3.50
N LEU B 240 19.23 1.57 -2.69
CA LEU B 240 19.41 1.45 -1.25
C LEU B 240 18.82 0.15 -0.70
N SER B 241 17.50 -0.02 -0.79
CA SER B 241 16.83 -1.19 -0.21
C SER B 241 15.43 -1.30 -0.78
N PRO B 242 15.11 -2.37 -1.51
CA PRO B 242 13.74 -2.58 -1.98
C PRO B 242 12.80 -3.01 -0.84
N GLY B 243 13.35 -3.79 0.11
CA GLY B 243 12.54 -4.34 1.18
C GLY B 243 11.99 -3.32 2.13
N LEU B 244 12.53 -2.10 2.17
CA LEU B 244 12.03 -1.03 3.02
C LEU B 244 10.73 -0.43 2.49
N ARG B 245 10.48 -0.58 1.18
CA ARG B 245 9.34 -0.03 0.49
C ARG B 245 9.20 1.50 0.63
N VAL B 246 10.19 2.24 0.11
CA VAL B 246 10.17 3.71 0.15
C VAL B 246 10.50 4.23 -1.22
N ALA B 247 9.55 5.04 -1.74
CA ALA B 247 9.68 5.59 -3.07
C ALA B 247 8.95 6.90 -3.14
N PHE B 248 8.82 7.48 -4.35
CA PHE B 248 8.24 8.79 -4.43
C PHE B 248 7.58 9.03 -5.79
N ALA B 249 6.62 9.93 -5.75
CA ALA B 249 5.98 10.50 -6.93
C ALA B 249 6.16 12.00 -6.89
N VAL B 250 6.45 12.60 -8.04
CA VAL B 250 6.69 14.03 -8.17
C VAL B 250 5.81 14.53 -9.31
N ALA B 251 5.04 15.61 -9.09
CA ALA B 251 4.12 16.06 -10.10
C ALA B 251 3.70 17.50 -9.81
N HIS B 252 3.11 18.12 -10.85
CA HIS B 252 2.38 19.38 -10.67
C HIS B 252 1.41 19.23 -9.51
N PRO B 253 1.28 20.23 -8.60
CA PRO B 253 0.36 20.14 -7.47
C PRO B 253 -1.04 19.60 -7.72
N GLU B 254 -1.69 19.94 -8.82
CA GLU B 254 -3.03 19.47 -9.10
C GLU B 254 -3.08 17.95 -9.26
N ALA B 255 -2.05 17.39 -9.90
CA ALA B 255 -2.00 15.94 -10.04
C ALA B 255 -1.55 15.32 -8.74
N LEU B 256 -0.52 15.89 -8.15
CA LEU B 256 0.03 15.38 -6.91
C LEU B 256 -1.04 15.31 -5.82
N GLN B 257 -1.93 16.31 -5.77
CA GLN B 257 -2.97 16.29 -4.76
C GLN B 257 -3.88 15.06 -4.93
N LYS B 258 -4.23 14.66 -6.16
CA LYS B 258 -5.10 13.50 -6.33
C LYS B 258 -4.38 12.23 -5.88
N LEU B 259 -3.06 12.15 -6.15
CA LEU B 259 -2.29 11.00 -5.70
C LEU B 259 -2.29 10.92 -4.18
N VAL B 260 -2.18 12.06 -3.51
CA VAL B 260 -2.17 12.09 -2.04
C VAL B 260 -3.57 11.69 -1.56
N GLN B 261 -4.61 12.21 -2.21
CA GLN B 261 -5.97 11.81 -1.87
C GLN B 261 -6.18 10.29 -1.96
N ALA B 262 -5.70 9.66 -3.05
CA ALA B 262 -5.80 8.23 -3.23
C ALA B 262 -5.00 7.47 -2.18
N LYS B 263 -3.87 7.99 -1.78
CA LYS B 263 -2.96 7.27 -0.89
C LYS B 263 -3.57 7.06 0.50
N GLN B 264 -4.36 8.04 0.93
CA GLN B 264 -5.06 8.01 2.20
C GLN B 264 -5.70 6.62 2.42
N GLY B 265 -6.55 6.19 1.46
CA GLY B 265 -7.34 5.01 1.59
C GLY B 265 -6.59 3.77 1.15
N ALA B 266 -5.36 3.93 0.65
CA ALA B 266 -4.56 2.79 0.24
C ALA B 266 -3.87 2.18 1.46
N ASP B 267 -3.20 3.02 2.24
CA ASP B 267 -2.47 2.52 3.41
C ASP B 267 -2.33 3.53 4.55
N LEU B 268 -3.02 4.65 4.52
CA LEU B 268 -2.91 5.78 5.44
C LEU B 268 -1.60 6.54 5.19
N HIS B 269 -0.44 5.90 5.47
CA HIS B 269 0.86 6.50 5.25
C HIS B 269 1.89 5.38 5.12
N THR B 270 2.99 5.70 4.40
CA THR B 270 4.13 4.82 4.32
C THR B 270 4.79 4.73 5.69
N PRO B 271 5.16 3.51 6.10
CA PRO B 271 5.74 3.35 7.45
C PRO B 271 6.82 4.36 7.71
N MET B 272 6.76 4.92 8.91
CA MET B 272 7.53 6.07 9.25
C MET B 272 8.99 5.73 9.60
N LEU B 273 9.25 4.68 10.35
CA LEU B 273 10.61 4.22 10.65
C LEU B 273 11.37 4.06 9.33
N ASN B 274 10.72 3.53 8.30
CA ASN B 274 11.35 3.19 7.03
C ASN B 274 11.83 4.46 6.34
N GLN B 275 10.97 5.50 6.35
CA GLN B 275 11.28 6.77 5.77
C GLN B 275 12.41 7.47 6.51
N MET B 276 12.36 7.41 7.85
CA MET B 276 13.42 8.00 8.67
C MET B 276 14.76 7.34 8.38
N LEU B 277 14.74 6.02 8.25
CA LEU B 277 15.91 5.19 8.07
C LEU B 277 16.53 5.53 6.72
N VAL B 278 15.68 5.61 5.68
CA VAL B 278 16.19 5.95 4.37
C VAL B 278 16.88 7.32 4.41
N HIS B 279 16.25 8.28 5.06
CA HIS B 279 16.77 9.63 5.12
C HIS B 279 18.10 9.62 5.87
N GLU B 280 18.16 8.92 7.01
CA GLU B 280 19.40 8.84 7.79
C GLU B 280 20.54 8.24 6.98
N LEU B 281 20.28 7.20 6.19
CA LEU B 281 21.31 6.51 5.43
C LEU B 281 21.87 7.35 4.26
N LEU B 282 21.03 8.22 3.70
CA LEU B 282 21.35 8.96 2.50
C LEU B 282 21.78 10.40 2.82
N LYS B 283 21.72 10.79 4.08
CA LYS B 283 22.07 12.17 4.45
C LYS B 283 23.49 12.51 4.06
N GLU B 284 24.39 11.53 4.17
CA GLU B 284 25.77 11.69 3.77
C GLU B 284 26.18 10.53 2.85
N GLY B 285 27.04 10.86 1.89
CA GLY B 285 27.71 9.85 1.09
C GLY B 285 26.80 9.34 -0.03
N PHE B 286 25.75 10.10 -0.39
CA PHE B 286 24.81 9.55 -1.36
C PHE B 286 25.50 9.39 -2.74
N SER B 287 26.15 10.46 -3.21
CA SER B 287 26.93 10.41 -4.46
C SER B 287 27.85 9.20 -4.54
N GLU B 288 28.61 8.97 -3.47
CA GLU B 288 29.55 7.87 -3.45
C GLU B 288 28.81 6.53 -3.49
N ARG B 289 27.67 6.40 -2.75
CA ARG B 289 26.82 5.21 -2.84
C ARG B 289 26.43 4.94 -4.31
N LEU B 290 25.94 5.97 -4.97
CA LEU B 290 25.46 5.86 -6.35
C LEU B 290 26.55 5.46 -7.31
N GLU B 291 27.74 6.00 -7.07
CA GLU B 291 28.91 5.65 -7.90
C GLU B 291 29.23 4.17 -7.73
N ARG B 292 29.14 3.68 -6.49
CA ARG B 292 29.33 2.28 -6.22
C ARG B 292 28.28 1.38 -6.83
N VAL B 293 27.01 1.78 -6.73
CA VAL B 293 25.96 1.06 -7.46
C VAL B 293 26.31 0.91 -8.93
N ARG B 294 26.69 1.98 -9.59
CA ARG B 294 26.98 1.92 -11.00
C ARG B 294 28.13 0.92 -11.29
N ARG B 295 29.20 0.96 -10.47
CA ARG B 295 30.36 0.09 -10.69
C ARG B 295 29.91 -1.37 -10.60
N VAL B 296 29.15 -1.68 -9.55
CA VAL B 296 28.75 -3.05 -9.34
C VAL B 296 27.88 -3.58 -10.45
N TYR B 297 26.86 -2.79 -10.88
CA TYR B 297 25.98 -3.34 -11.91
C TYR B 297 26.71 -3.39 -13.25
N ARG B 298 27.63 -2.46 -13.48
CA ARG B 298 28.42 -2.50 -14.71
C ARG B 298 29.20 -3.81 -14.78
N GLU B 299 29.79 -4.18 -13.63
CA GLU B 299 30.63 -5.37 -13.61
C GLU B 299 29.76 -6.63 -13.72
N LYS B 300 28.60 -6.68 -13.06
CA LYS B 300 27.72 -7.84 -13.16
C LYS B 300 27.18 -7.99 -14.60
N ALA B 301 26.85 -6.86 -15.28
CA ALA B 301 26.37 -6.92 -16.66
C ALA B 301 27.45 -7.51 -17.54
N GLN B 302 28.69 -7.08 -17.30
CA GLN B 302 29.80 -7.57 -18.08
C GLN B 302 29.96 -9.07 -17.84
N ALA B 303 29.88 -9.47 -16.57
CA ALA B 303 30.02 -10.91 -16.24
C ALA B 303 28.96 -11.72 -16.98
N MET B 304 27.72 -11.20 -16.98
CA MET B 304 26.63 -11.90 -17.62
C MET B 304 26.85 -12.03 -19.12
N LEU B 305 27.20 -10.92 -19.76
CA LEU B 305 27.39 -10.98 -21.21
C LEU B 305 28.54 -11.91 -21.58
N HIS B 306 29.62 -11.86 -20.83
CA HIS B 306 30.77 -12.73 -21.07
C HIS B 306 30.29 -14.18 -21.06
N ALA B 307 29.51 -14.53 -20.03
CA ALA B 307 28.99 -15.88 -19.90
C ALA B 307 28.01 -16.24 -21.02
N LEU B 308 27.05 -15.35 -21.33
CA LEU B 308 26.15 -15.67 -22.41
C LEU B 308 26.90 -15.88 -23.74
N ASP B 309 27.88 -15.04 -23.98
CA ASP B 309 28.65 -15.04 -25.24
C ASP B 309 29.35 -16.40 -25.42
N ARG B 310 29.75 -17.04 -24.32
CA ARG B 310 30.39 -18.37 -24.38
C ARG B 310 29.37 -19.50 -24.39
N GLU B 311 28.22 -19.40 -23.74
CA GLU B 311 27.32 -20.52 -23.58
C GLU B 311 26.08 -20.53 -24.48
N VAL B 312 25.62 -19.38 -24.97
CA VAL B 312 24.37 -19.32 -25.70
C VAL B 312 24.62 -19.52 -27.20
N PRO B 313 23.88 -20.45 -27.81
CA PRO B 313 24.02 -20.69 -29.25
C PRO B 313 23.61 -19.45 -30.03
N LYS B 314 24.15 -19.29 -31.24
CA LYS B 314 24.05 -18.04 -31.97
C LYS B 314 22.67 -17.91 -32.63
N GLU B 315 21.84 -18.94 -32.65
CA GLU B 315 20.46 -18.75 -33.09
C GLU B 315 19.68 -17.85 -32.08
N VAL B 316 20.23 -17.61 -30.88
CA VAL B 316 19.46 -16.98 -29.80
C VAL B 316 20.01 -15.56 -29.66
N ARG B 317 19.13 -14.56 -29.63
CA ARG B 317 19.56 -13.18 -29.57
C ARG B 317 19.38 -12.66 -28.14
N TYR B 318 20.22 -11.70 -27.75
CA TYR B 318 20.03 -11.03 -26.46
C TYR B 318 20.66 -9.63 -26.50
N THR B 319 20.10 -8.69 -25.69
CA THR B 319 20.57 -7.32 -25.64
C THR B 319 21.84 -7.19 -24.81
N ARG B 320 22.49 -6.04 -24.95
CA ARG B 320 23.74 -5.69 -24.32
C ARG B 320 23.49 -4.34 -23.66
N PRO B 321 22.98 -4.34 -22.42
CA PRO B 321 22.41 -3.10 -21.88
C PRO B 321 23.45 -2.09 -21.48
N LYS B 322 23.02 -0.85 -21.56
CA LYS B 322 23.86 0.26 -21.21
C LYS B 322 23.61 0.77 -19.80
N GLY B 323 22.81 0.02 -19.07
CA GLY B 323 22.44 0.38 -17.68
C GLY B 323 21.38 -0.58 -17.18
N GLY B 324 21.01 -0.48 -15.90
CA GLY B 324 19.89 -1.22 -15.34
C GLY B 324 20.30 -2.63 -14.91
N MET B 325 19.33 -3.52 -14.98
CA MET B 325 19.44 -4.82 -14.31
C MET B 325 19.28 -6.01 -15.25
N PHE B 326 18.85 -5.79 -16.49
CA PHE B 326 18.27 -6.83 -17.30
C PHE B 326 18.95 -7.01 -18.65
N VAL B 327 19.00 -8.28 -19.06
CA VAL B 327 19.28 -8.71 -20.43
C VAL B 327 17.98 -9.29 -20.96
N TRP B 328 17.59 -8.86 -22.16
CA TRP B 328 16.40 -9.30 -22.82
C TRP B 328 16.78 -10.25 -23.96
N MET B 329 16.19 -11.42 -23.91
CA MET B 329 16.58 -12.56 -24.75
C MET B 329 15.40 -12.96 -25.63
N GLU B 330 15.69 -13.26 -26.90
CA GLU B 330 14.66 -13.72 -27.82
C GLU B 330 15.08 -15.02 -28.51
N LEU B 331 14.26 -16.03 -28.34
CA LEU B 331 14.50 -17.36 -28.89
C LEU B 331 14.04 -17.35 -30.33
N PRO B 332 14.45 -18.35 -31.15
CA PRO B 332 13.87 -18.48 -32.48
C PRO B 332 12.36 -18.47 -32.43
N LYS B 333 11.79 -17.97 -33.50
CA LYS B 333 10.34 -17.84 -33.63
C LYS B 333 9.66 -19.17 -33.33
N GLY B 334 8.62 -19.12 -32.51
CA GLY B 334 7.77 -20.28 -32.28
C GLY B 334 8.24 -21.11 -31.10
N LEU B 335 9.48 -20.90 -30.65
CA LEU B 335 9.99 -21.61 -29.48
C LEU B 335 9.50 -20.97 -28.19
N SER B 336 9.24 -21.81 -27.17
CA SER B 336 8.48 -21.43 -25.99
C SER B 336 9.41 -21.04 -24.82
N ALA B 337 9.36 -19.77 -24.42
CA ALA B 337 10.07 -19.32 -23.23
C ALA B 337 9.57 -20.07 -22.01
N GLU B 338 8.25 -20.33 -21.94
CA GLU B 338 7.70 -21.11 -20.85
C GLU B 338 8.30 -22.53 -20.78
N GLY B 339 8.35 -23.16 -21.95
CA GLY B 339 8.94 -24.47 -22.05
C GLY B 339 10.39 -24.43 -21.60
N LEU B 340 11.17 -23.45 -22.09
CA LEU B 340 12.55 -23.28 -21.65
C LEU B 340 12.61 -23.13 -20.12
N PHE B 341 11.64 -22.39 -19.56
CA PHE B 341 11.64 -22.13 -18.13
C PHE B 341 11.53 -23.45 -17.37
N ARG B 342 10.64 -24.33 -17.82
CA ARG B 342 10.47 -25.61 -17.12
C ARG B 342 11.78 -26.41 -17.17
N ARG B 343 12.45 -26.42 -18.32
CA ARG B 343 13.76 -27.05 -18.45
C ARG B 343 14.81 -26.36 -17.58
N ALA B 344 14.69 -25.02 -17.45
CA ALA B 344 15.67 -24.30 -16.65
C ALA B 344 15.53 -24.68 -15.17
N LEU B 345 14.30 -24.76 -14.70
CA LEU B 345 14.03 -25.18 -13.31
C LEU B 345 14.65 -26.55 -13.03
N GLU B 346 14.57 -27.48 -13.99
CA GLU B 346 15.22 -28.77 -13.90
C GLU B 346 16.75 -28.64 -13.80
N GLU B 347 17.36 -27.61 -14.43
CA GLU B 347 18.80 -27.37 -14.27
C GLU B 347 19.13 -26.39 -13.12
N ASN B 348 18.14 -26.09 -12.28
CA ASN B 348 18.28 -25.24 -11.10
C ASN B 348 18.73 -23.82 -11.45
N VAL B 349 18.06 -23.23 -12.46
CA VAL B 349 18.19 -21.79 -12.75
C VAL B 349 16.80 -21.26 -13.08
N ALA B 350 16.56 -19.98 -12.78
CA ALA B 350 15.30 -19.34 -13.06
C ALA B 350 15.47 -18.03 -13.82
N PHE B 351 14.45 -17.70 -14.62
CA PHE B 351 14.35 -16.41 -15.29
C PHE B 351 12.87 -16.07 -15.36
N VAL B 352 12.54 -14.91 -16.00
CA VAL B 352 11.14 -14.59 -16.21
C VAL B 352 10.77 -14.70 -17.70
N PRO B 353 9.87 -15.60 -18.03
CA PRO B 353 9.31 -15.66 -19.38
C PRO B 353 8.72 -14.32 -19.72
N GLY B 354 8.67 -14.06 -21.02
CA GLY B 354 8.41 -12.72 -21.50
C GLY B 354 6.92 -12.37 -21.52
N GLY B 355 6.03 -13.36 -21.55
CA GLY B 355 4.60 -13.13 -21.76
C GLY B 355 3.97 -12.07 -20.85
N PRO B 356 4.21 -12.13 -19.53
CA PRO B 356 3.63 -11.15 -18.61
C PRO B 356 3.95 -9.68 -18.91
N PHE B 357 4.99 -9.45 -19.76
CA PHE B 357 5.40 -8.10 -20.06
C PHE B 357 4.69 -7.55 -21.28
N PHE B 358 3.79 -8.33 -21.90
CA PHE B 358 3.05 -7.94 -23.10
C PHE B 358 1.55 -7.80 -22.77
N ALA B 359 1.07 -6.57 -22.66
CA ALA B 359 -0.22 -6.30 -22.08
C ALA B 359 -1.34 -6.93 -22.88
N ASN B 360 -1.14 -7.04 -24.20
CA ASN B 360 -2.19 -7.65 -25.02
C ASN B 360 -1.77 -8.99 -25.62
N GLY B 361 -0.81 -9.63 -24.99
CA GLY B 361 -0.40 -10.97 -25.42
C GLY B 361 0.79 -10.92 -26.37
N GLY B 362 1.29 -12.11 -26.73
CA GLY B 362 2.48 -12.13 -27.57
C GLY B 362 3.75 -12.34 -26.74
N GLY B 363 4.90 -12.32 -27.43
CA GLY B 363 6.21 -12.39 -26.80
C GLY B 363 6.50 -13.75 -26.20
N GLU B 364 5.85 -14.80 -26.71
CA GLU B 364 6.01 -16.12 -26.07
C GLU B 364 7.37 -16.76 -26.35
N ASN B 365 8.14 -16.19 -27.28
CA ASN B 365 9.52 -16.60 -27.49
C ASN B 365 10.54 -15.76 -26.72
N THR B 366 10.12 -14.82 -25.82
CA THR B 366 11.07 -13.88 -25.24
C THR B 366 11.23 -14.16 -23.77
N LEU B 367 12.30 -13.63 -23.18
CA LEU B 367 12.48 -13.78 -21.74
C LEU B 367 13.44 -12.74 -21.19
N ARG B 368 13.29 -12.41 -19.89
CA ARG B 368 14.13 -11.45 -19.20
C ARG B 368 15.05 -12.18 -18.24
N LEU B 369 16.28 -11.73 -18.22
CA LEU B 369 17.32 -12.22 -17.33
C LEU B 369 17.75 -11.06 -16.46
N SER B 370 17.83 -11.29 -15.15
CA SER B 370 18.39 -10.28 -14.27
C SER B 370 19.74 -10.71 -13.75
N TYR B 371 20.73 -9.86 -13.90
CA TYR B 371 22.08 -10.10 -13.40
C TYR B 371 22.32 -9.34 -12.11
N ALA B 372 21.28 -8.81 -11.44
CA ALA B 372 21.47 -7.89 -10.33
C ALA B 372 21.92 -8.58 -9.05
N THR B 373 21.45 -9.80 -8.78
CA THR B 373 21.42 -10.37 -7.45
C THR B 373 22.64 -11.25 -7.15
N LEU B 374 23.08 -12.06 -8.11
CA LEU B 374 24.16 -13.04 -7.94
C LEU B 374 25.53 -12.41 -8.03
N ASP B 375 26.52 -13.02 -7.34
CA ASP B 375 27.91 -12.63 -7.49
C ASP B 375 28.42 -13.17 -8.84
N ARG B 376 29.63 -12.75 -9.26
CA ARG B 376 30.12 -13.13 -10.58
C ARG B 376 30.22 -14.64 -10.73
N GLU B 377 30.59 -15.35 -9.68
CA GLU B 377 30.66 -16.79 -9.86
C GLU B 377 29.27 -17.40 -10.11
N GLY B 378 28.26 -17.00 -9.32
CA GLY B 378 26.90 -17.43 -9.56
C GLY B 378 26.35 -17.05 -10.95
N ILE B 379 26.67 -15.88 -11.43
CA ILE B 379 26.33 -15.52 -12.79
C ILE B 379 26.92 -16.51 -13.77
N ALA B 380 28.23 -16.82 -13.61
CA ALA B 380 28.85 -17.71 -14.58
C ALA B 380 28.19 -19.11 -14.50
N GLU B 381 27.91 -19.59 -13.28
CA GLU B 381 27.31 -20.92 -13.10
C GLU B 381 25.84 -20.93 -13.55
N GLY B 382 25.07 -19.89 -13.19
CA GLY B 382 23.71 -19.86 -13.69
C GLY B 382 23.61 -19.89 -15.21
N VAL B 383 24.56 -19.21 -15.89
CA VAL B 383 24.52 -19.15 -17.34
C VAL B 383 24.90 -20.52 -17.93
N ARG B 384 25.82 -21.25 -17.30
CA ARG B 384 26.10 -22.62 -17.73
C ARG B 384 24.85 -23.51 -17.61
N ARG B 385 24.05 -23.30 -16.56
CA ARG B 385 22.85 -24.08 -16.34
C ARG B 385 21.79 -23.70 -17.37
N LEU B 386 21.65 -22.39 -17.63
CA LEU B 386 20.75 -21.90 -18.67
C LEU B 386 21.16 -22.44 -20.05
N GLY B 387 22.44 -22.42 -20.36
CA GLY B 387 22.93 -22.93 -21.67
C GLY B 387 22.50 -24.39 -21.91
N ARG B 388 22.51 -25.20 -20.84
CA ARG B 388 22.12 -26.60 -20.93
C ARG B 388 20.64 -26.67 -21.27
N ALA B 389 19.82 -25.86 -20.58
CA ALA B 389 18.40 -25.84 -20.85
C ALA B 389 18.18 -25.44 -22.30
N LEU B 390 18.85 -24.38 -22.73
CA LEU B 390 18.68 -23.84 -24.07
C LEU B 390 19.03 -24.89 -25.14
N LYS B 391 20.20 -25.51 -24.98
CA LYS B 391 20.64 -26.60 -25.88
C LYS B 391 19.60 -27.72 -25.95
N GLY B 392 18.94 -28.05 -24.81
CA GLY B 392 17.92 -29.08 -24.79
C GLY B 392 16.68 -28.62 -25.55
N LEU B 393 16.30 -27.35 -25.37
CA LEU B 393 15.17 -26.77 -26.08
C LEU B 393 15.41 -26.82 -27.59
N LEU B 394 16.60 -26.41 -28.02
CA LEU B 394 16.90 -26.31 -29.44
C LEU B 394 17.07 -27.70 -30.06
N ALA B 395 17.57 -28.67 -29.28
CA ALA B 395 17.79 -30.03 -29.82
C ALA B 395 16.49 -30.77 -30.15
N LEU B 396 15.38 -30.39 -29.51
CA LEU B 396 14.08 -31.02 -29.68
C LEU B 396 13.52 -30.70 -31.05
N VAL B 397 13.89 -29.55 -31.61
CA VAL B 397 13.29 -29.17 -32.88
C VAL B 397 13.58 -30.28 -33.92
N LEU C . -8.28 4.47 12.70
CA LEU C . -7.73 5.87 12.84
C LEU C . -8.87 6.80 13.28
O LEU C . -8.59 7.84 13.93
CB LEU C . -7.13 6.35 11.51
CG LEU C . -6.54 7.75 11.47
CD1 LEU C . -5.37 7.96 12.41
CD2 LEU C . -6.14 8.03 10.02
OXT LEU C . -9.99 6.47 12.87
N1 PLP D . -10.24 -0.13 11.08
C2 PLP D . -10.66 0.68 12.04
C2A PLP D . -12.01 0.39 12.58
C3 PLP D . -9.89 1.77 12.48
O3 PLP D . -10.39 2.59 13.49
C4 PLP D . -8.62 1.97 11.87
C4A PLP D . -7.82 3.14 12.25
C5 PLP D . -8.23 1.13 10.83
C6 PLP D . -9.05 0.06 10.54
C5A PLP D . -6.96 1.28 10.04
O4P PLP D . -5.83 1.05 10.90
P PLP D . -4.45 0.39 10.41
O1P PLP D . -4.49 -1.04 10.78
O2P PLP D . -4.34 0.56 8.90
O3P PLP D . -3.45 1.16 11.29
N LEU E . 10.77 -4.50 -10.42
CA LEU E . 10.96 -5.94 -10.03
C LEU E . 11.06 -6.83 -11.29
O LEU E . 11.53 -8.01 -11.18
CB LEU E . 9.77 -6.34 -9.17
CG LEU E . 9.69 -7.80 -8.76
CD1 LEU E . 10.79 -8.05 -7.77
CD2 LEU E . 8.38 -8.19 -8.10
OXT LEU E . 10.51 -6.39 -12.28
N1 PLP F . 9.01 0.31 -11.86
C2 PLP F . 9.83 -0.52 -12.50
C2A PLP F . 10.17 -0.16 -13.90
C3 PLP F . 10.35 -1.67 -11.88
O3 PLP F . 11.24 -2.48 -12.55
C4 PLP F . 9.99 -1.93 -10.55
C4A PLP F . 10.53 -3.16 -9.88
C5 PLP F . 9.09 -1.05 -9.92
C6 PLP F . 8.69 0.06 -10.58
C5A PLP F . 8.53 -1.24 -8.54
O4P PLP F . 9.60 -1.15 -7.57
P PLP F . 9.36 -0.58 -6.06
O1P PLP F . 7.92 -0.73 -5.79
O2P PLP F . 10.31 -1.42 -5.26
O3P PLP F . 9.80 0.85 -6.11
#